data_4GME
#
_entry.id   4GME
#
_cell.length_a   115.801
_cell.length_b   115.801
_cell.length_c   118.131
_cell.angle_alpha   90.00
_cell.angle_beta   90.00
_cell.angle_gamma   90.00
#
_symmetry.space_group_name_H-M   'I 4'
#
loop_
_entity.id
_entity.type
_entity.pdbx_description
1 polymer 'Mandelate racemase/muconate lactonizing enzyme family'
2 non-polymer 'MAGNESIUM ION'
3 non-polymer 'CHLORIDE ION'
4 non-polymer GLYCEROL
5 non-polymer 'CARBONATE ION'
6 non-polymer 'D-MANNONIC ACID'
7 water water
#
_entity_poly.entity_id   1
_entity_poly.type   'polypeptide(L)'
_entity_poly.pdbx_seq_one_letter_code
;MHHHHHHSSGVDLGTENLYFQSMMLKIIDAKVIVTCPGRNFVTLKITTEDGITGVGDATLNGRELSVVSFLQDHMVPSLI
GRDAHQIEDIWQFFYRGSYWRGGPVAMTALAAVDMALWDIKGKVAGLPVYQLLGGACRTGVTVYGHANGETIEDTIAEAV
KYKAMGYKAIRLQTGVPGLASTYGVSKDKMFYEPADNDLPTENIWSTAKYLNSVPKLFERAREVLGWDVHLLHDVHHRLT
PIEAARLGKDLEPYRLFWLEDSVPAENQAGFRLIRQHTTTPLAVGEIFAHVWDAKQLIEEQLIDYLRATVLHAGGITNLK
KIAAFADLHHVKTGCHGATDLSPVTMAAALHFDMSITNFGLQEYMRHTPETDAVFPHAYTFSDGMLHPGDKPGLGVDIDE
DLAAKHPYKRAYLPVNRLEDGTMFNW
;
_entity_poly.pdbx_strand_id   A,C
#
# COMPACT_ATOMS: atom_id res chain seq x y z
N MET A 24 26.05 -16.53 13.84
CA MET A 24 25.13 -15.66 14.61
C MET A 24 25.62 -14.21 14.57
N LEU A 25 24.98 -13.38 13.75
CA LEU A 25 25.45 -12.02 13.51
C LEU A 25 24.53 -11.01 14.16
N LYS A 26 24.73 -10.76 15.45
CA LYS A 26 23.80 -9.89 16.19
C LYS A 26 23.71 -8.47 15.62
N ILE A 27 22.50 -7.99 15.39
CA ILE A 27 22.35 -6.57 14.99
C ILE A 27 22.35 -5.70 16.22
N ILE A 28 23.30 -4.76 16.29
CA ILE A 28 23.40 -3.88 17.46
C ILE A 28 22.91 -2.46 17.19
N ASP A 29 22.73 -2.08 15.93
CA ASP A 29 22.28 -0.71 15.64
C ASP A 29 21.67 -0.59 14.26
N ALA A 30 20.68 0.28 14.10
CA ALA A 30 20.07 0.48 12.80
C ALA A 30 19.73 1.94 12.69
N LYS A 31 20.19 2.60 11.64
CA LYS A 31 19.93 4.03 11.57
C LYS A 31 19.42 4.51 10.21
N VAL A 32 18.40 5.35 10.28
CA VAL A 32 17.81 5.89 9.07
C VAL A 32 18.49 7.23 8.87
N ILE A 33 19.12 7.38 7.70
CA ILE A 33 19.78 8.61 7.31
C ILE A 33 19.09 9.32 6.16
N VAL A 34 18.89 10.62 6.32
CA VAL A 34 18.20 11.42 5.31
C VAL A 34 19.12 12.50 4.76
N THR A 35 19.20 12.63 3.44
CA THR A 35 20.10 13.61 2.80
C THR A 35 19.65 14.01 1.39
N CYS A 36 20.12 15.16 0.91
CA CYS A 36 19.61 15.71 -0.35
C CYS A 36 20.73 16.28 -1.20
N PRO A 37 21.63 15.39 -1.66
CA PRO A 37 22.73 15.81 -2.49
C PRO A 37 22.27 15.98 -3.91
N GLY A 38 21.28 16.83 -4.12
CA GLY A 38 20.78 17.09 -5.48
C GLY A 38 19.31 16.71 -5.55
N ARG A 39 18.94 15.75 -4.71
CA ARG A 39 17.57 15.36 -4.49
C ARG A 39 17.52 14.50 -3.23
N ASN A 40 16.33 14.29 -2.69
CA ASN A 40 16.15 13.53 -1.45
C ASN A 40 16.52 12.05 -1.62
N PHE A 41 17.22 11.51 -0.63
CA PHE A 41 17.41 10.08 -0.47
C PHE A 41 17.32 9.64 0.98
N VAL A 42 16.66 8.52 1.22
CA VAL A 42 16.65 7.94 2.54
C VAL A 42 17.44 6.64 2.56
N THR A 43 18.20 6.43 3.60
CA THR A 43 19.04 5.26 3.65
C THR A 43 19.07 4.62 5.02
N LEU A 44 18.81 3.33 5.06
CA LEU A 44 19.03 2.55 6.26
C LEU A 44 20.45 2.03 6.35
N LYS A 45 21.07 2.11 7.53
CA LYS A 45 22.36 1.48 7.80
C LYS A 45 22.29 0.57 9.03
N ILE A 46 22.72 -0.67 8.87
CA ILE A 46 22.59 -1.68 9.92
C ILE A 46 23.98 -2.12 10.30
N THR A 47 24.21 -2.22 11.60
CA THR A 47 25.51 -2.56 12.13
C THR A 47 25.40 -3.79 13.03
N THR A 48 26.24 -4.78 12.73
CA THR A 48 26.26 -6.02 13.48
C THR A 48 27.26 -5.95 14.64
N GLU A 49 27.19 -6.94 15.51
CA GLU A 49 27.97 -6.93 16.73
C GLU A 49 29.46 -6.66 16.53
N ASP A 50 30.02 -7.25 15.48
CA ASP A 50 31.45 -7.16 15.28
C ASP A 50 31.84 -6.14 14.22
N GLY A 51 30.92 -5.24 13.91
CA GLY A 51 31.25 -4.07 13.12
C GLY A 51 30.96 -4.21 11.63
N ILE A 52 30.35 -5.32 11.23
CA ILE A 52 29.95 -5.46 9.84
C ILE A 52 28.68 -4.65 9.58
N THR A 53 28.74 -3.77 8.60
CA THR A 53 27.59 -2.93 8.29
C THR A 53 26.97 -3.25 6.94
N GLY A 54 25.71 -2.86 6.79
CA GLY A 54 24.98 -3.01 5.52
C GLY A 54 24.10 -1.79 5.35
N VAL A 55 23.95 -1.32 4.10
CA VAL A 55 23.07 -0.20 3.78
C VAL A 55 21.93 -0.61 2.83
N GLY A 56 20.79 0.04 2.97
CA GLY A 56 19.66 -0.17 2.07
C GLY A 56 19.02 1.14 1.69
N ASP A 57 18.49 1.20 0.47
CA ASP A 57 17.78 2.37 0.01
C ASP A 57 16.30 2.31 0.48
N ALA A 58 15.74 3.44 0.85
CA ALA A 58 14.36 3.47 1.34
C ALA A 58 13.64 4.70 0.82
N THR A 59 14.21 5.31 -0.22
CA THR A 59 13.65 6.49 -0.84
C THR A 59 12.32 6.21 -1.55
N LEU A 60 11.30 6.99 -1.17
CA LEU A 60 10.00 6.96 -1.80
C LEU A 60 9.69 8.39 -2.21
N ASN A 61 10.05 8.71 -3.46
CA ASN A 61 9.98 10.06 -3.98
C ASN A 61 8.65 10.81 -3.75
N GLY A 62 8.70 11.95 -3.07
CA GLY A 62 7.48 12.74 -2.89
C GLY A 62 6.79 12.41 -1.61
N ARG A 63 7.17 11.28 -1.01
CA ARG A 63 6.65 10.88 0.30
C ARG A 63 7.76 10.38 1.23
N GLU A 64 8.91 11.04 1.22
CA GLU A 64 10.10 10.43 1.79
C GLU A 64 10.00 10.17 3.31
N LEU A 65 9.48 11.15 4.05
CA LEU A 65 9.49 11.05 5.52
C LEU A 65 8.44 10.08 6.06
N SER A 66 7.51 9.64 5.23
CA SER A 66 6.58 8.61 5.64
CA SER A 66 6.58 8.60 5.65
C SER A 66 7.33 7.28 5.81
N VAL A 67 8.26 6.99 4.89
CA VAL A 67 9.10 5.77 5.00
C VAL A 67 10.08 5.87 6.18
N VAL A 68 10.52 7.09 6.45
CA VAL A 68 11.47 7.36 7.51
C VAL A 68 10.84 6.95 8.84
N SER A 69 9.60 7.36 9.06
CA SER A 69 8.90 7.01 10.30
C SER A 69 8.61 5.53 10.41
N PHE A 70 8.01 4.97 9.37
CA PHE A 70 7.68 3.55 9.31
C PHE A 70 8.89 2.73 9.72
N LEU A 71 10.05 3.11 9.21
CA LEU A 71 11.29 2.47 9.60
C LEU A 71 11.68 2.79 11.05
N GLN A 72 11.97 4.05 11.34
CA GLN A 72 12.63 4.35 12.60
C GLN A 72 11.67 4.28 13.79
N ASP A 73 10.44 4.76 13.64
CA ASP A 73 9.47 4.71 14.74
C ASP A 73 8.87 3.35 15.00
N HIS A 74 8.92 2.46 14.00
CA HIS A 74 8.11 1.24 14.04
C HIS A 74 8.85 -0.09 13.77
N MET A 75 9.49 -0.21 12.61
CA MET A 75 10.24 -1.40 12.27
C MET A 75 11.57 -1.57 13.00
N VAL A 76 12.37 -0.50 13.04
CA VAL A 76 13.71 -0.59 13.65
C VAL A 76 13.78 -1.27 15.03
N PRO A 77 12.88 -0.90 15.95
CA PRO A 77 13.03 -1.49 17.29
C PRO A 77 13.00 -3.02 17.29
N SER A 78 12.44 -3.61 16.25
CA SER A 78 12.39 -5.09 16.15
C SER A 78 13.65 -5.69 15.52
N LEU A 79 14.45 -4.86 14.87
CA LEU A 79 15.73 -5.33 14.31
C LEU A 79 16.78 -5.60 15.36
N ILE A 80 16.84 -4.75 16.37
CA ILE A 80 17.88 -4.84 17.41
C ILE A 80 17.92 -6.22 18.08
N GLY A 81 19.11 -6.81 18.18
CA GLY A 81 19.26 -8.12 18.82
C GLY A 81 19.06 -9.32 17.91
N ARG A 82 18.38 -9.13 16.77
CA ARG A 82 18.16 -10.24 15.84
C ARG A 82 19.42 -10.70 15.09
N ASP A 83 19.38 -11.93 14.57
CA ASP A 83 20.44 -12.50 13.77
C ASP A 83 20.30 -12.04 12.32
N ALA A 84 21.25 -11.21 11.85
CA ALA A 84 21.20 -10.69 10.48
C ALA A 84 21.26 -11.76 9.37
N HIS A 85 21.66 -12.98 9.74
CA HIS A 85 21.69 -14.05 8.75
C HIS A 85 20.31 -14.38 8.25
N GLN A 86 19.32 -14.14 9.11
CA GLN A 86 17.96 -14.60 8.83
C GLN A 86 17.18 -13.67 7.90
N ILE A 87 17.65 -13.59 6.66
CA ILE A 87 17.08 -12.61 5.76
C ILE A 87 15.60 -12.88 5.47
N GLU A 88 15.28 -14.10 5.09
CA GLU A 88 13.90 -14.45 4.80
C GLU A 88 13.00 -14.30 6.02
N ASP A 89 13.43 -14.83 7.15
CA ASP A 89 12.55 -14.77 8.33
C ASP A 89 12.27 -13.30 8.64
N ILE A 90 13.30 -12.46 8.49
CA ILE A 90 13.15 -11.04 8.79
C ILE A 90 12.21 -10.39 7.79
N TRP A 91 12.37 -10.76 6.52
CA TRP A 91 11.43 -10.31 5.49
C TRP A 91 9.98 -10.62 5.88
N GLN A 92 9.73 -11.88 6.21
CA GLN A 92 8.38 -12.31 6.61
C GLN A 92 7.88 -11.66 7.89
N PHE A 93 8.76 -11.51 8.88
CA PHE A 93 8.41 -10.92 10.16
C PHE A 93 7.84 -9.52 9.95
N PHE A 94 8.43 -8.74 9.05
CA PHE A 94 7.95 -7.38 8.83
C PHE A 94 6.79 -7.31 7.86
N TYR A 95 6.82 -8.14 6.81
CA TYR A 95 5.72 -8.09 5.82
C TYR A 95 4.40 -8.60 6.39
N ARG A 96 4.47 -9.68 7.16
CA ARG A 96 3.30 -10.28 7.81
C ARG A 96 3.00 -9.55 9.12
N GLY A 97 4.07 -9.23 9.84
CA GLY A 97 3.96 -8.67 11.18
C GLY A 97 3.27 -7.32 11.28
N SER A 98 3.35 -6.52 10.21
CA SER A 98 2.70 -5.23 10.22
C SER A 98 1.19 -5.33 10.28
N TYR A 99 0.67 -6.53 10.04
CA TYR A 99 -0.79 -6.77 9.94
C TYR A 99 -1.44 -6.18 8.69
N TRP A 100 -1.37 -4.86 8.56
CA TRP A 100 -1.83 -4.21 7.34
C TRP A 100 -0.70 -4.53 6.38
N ARG A 101 -1.03 -5.02 5.19
CA ARG A 101 0.01 -5.68 4.40
C ARG A 101 0.31 -4.88 3.17
N GLY A 102 1.57 -4.89 2.75
CA GLY A 102 1.92 -4.31 1.45
C GLY A 102 1.74 -2.81 1.43
N GLY A 103 1.61 -2.26 0.23
CA GLY A 103 1.65 -0.82 0.05
C GLY A 103 3.07 -0.30 -0.19
N PRO A 104 3.20 0.81 -0.94
CA PRO A 104 4.49 1.38 -1.25
C PRO A 104 5.29 1.79 -0.01
N VAL A 105 4.65 2.39 1.00
CA VAL A 105 5.45 2.82 2.15
C VAL A 105 6.04 1.60 2.83
N ALA A 106 5.21 0.60 3.10
CA ALA A 106 5.65 -0.57 3.83
C ALA A 106 6.69 -1.39 3.08
N MET A 107 6.51 -1.49 1.77
CA MET A 107 7.35 -2.36 0.95
C MET A 107 8.68 -1.69 0.63
N THR A 108 8.70 -0.37 0.67
CA THR A 108 9.94 0.39 0.51
C THR A 108 10.79 0.33 1.79
N ALA A 109 10.14 0.47 2.94
CA ALA A 109 10.82 0.22 4.20
C ALA A 109 11.47 -1.15 4.21
N LEU A 110 10.72 -2.17 3.81
CA LEU A 110 11.22 -3.53 3.86
C LEU A 110 12.35 -3.74 2.86
N ALA A 111 12.25 -3.13 1.69
CA ALA A 111 13.32 -3.25 0.71
C ALA A 111 14.65 -2.82 1.32
N ALA A 112 14.61 -1.81 2.18
CA ALA A 112 15.85 -1.22 2.67
C ALA A 112 16.50 -2.16 3.69
N VAL A 113 15.68 -2.76 4.55
CA VAL A 113 16.11 -3.80 5.45
C VAL A 113 16.73 -4.95 4.64
N ASP A 114 16.02 -5.40 3.63
CA ASP A 114 16.47 -6.49 2.79
C ASP A 114 17.77 -6.21 2.05
N MET A 115 17.85 -5.07 1.38
CA MET A 115 19.11 -4.67 0.76
C MET A 115 20.25 -4.73 1.77
N ALA A 116 20.04 -4.15 2.94
CA ALA A 116 21.08 -4.05 3.94
C ALA A 116 21.52 -5.45 4.42
N LEU A 117 20.56 -6.33 4.65
CA LEU A 117 20.82 -7.70 5.09
C LEU A 117 21.61 -8.51 4.04
N TRP A 118 21.29 -8.32 2.75
CA TRP A 118 22.05 -8.97 1.71
C TRP A 118 23.47 -8.42 1.62
N ASP A 119 23.59 -7.12 1.89
CA ASP A 119 24.90 -6.45 1.87
C ASP A 119 25.78 -7.07 2.94
N ILE A 120 25.20 -7.27 4.11
CA ILE A 120 25.89 -7.91 5.22
C ILE A 120 26.27 -9.34 4.82
N LYS A 121 25.29 -10.08 4.31
CA LYS A 121 25.51 -11.46 3.92
C LYS A 121 26.72 -11.58 3.00
N GLY A 122 26.81 -10.69 2.03
CA GLY A 122 27.90 -10.72 1.04
C GLY A 122 29.24 -10.48 1.72
N LYS A 123 29.28 -9.57 2.68
CA LYS A 123 30.53 -9.27 3.35
C LYS A 123 31.03 -10.49 4.15
N VAL A 124 30.12 -11.13 4.86
CA VAL A 124 30.46 -12.29 5.66
C VAL A 124 30.97 -13.40 4.77
N ALA A 125 30.31 -13.56 3.62
CA ALA A 125 30.68 -14.62 2.70
C ALA A 125 31.94 -14.24 1.94
N GLY A 126 32.28 -12.95 1.97
CA GLY A 126 33.41 -12.46 1.19
C GLY A 126 33.15 -12.54 -0.31
N LEU A 127 31.92 -12.23 -0.71
CA LEU A 127 31.56 -12.29 -2.13
C LEU A 127 30.66 -11.14 -2.49
N PRO A 128 30.70 -10.72 -3.76
CA PRO A 128 29.71 -9.74 -4.20
C PRO A 128 28.36 -10.41 -4.16
N VAL A 129 27.30 -9.61 -4.06
CA VAL A 129 26.00 -10.17 -3.74
C VAL A 129 25.50 -11.07 -4.87
N TYR A 130 25.80 -10.73 -6.13
CA TYR A 130 25.38 -11.59 -7.25
C TYR A 130 25.94 -13.02 -7.15
N GLN A 131 27.06 -13.20 -6.43
CA GLN A 131 27.67 -14.52 -6.38
C GLN A 131 26.83 -15.46 -5.55
N LEU A 132 25.96 -14.89 -4.72
CA LEU A 132 25.10 -15.66 -3.87
C LEU A 132 23.80 -16.01 -4.54
N LEU A 133 23.42 -15.20 -5.53
CA LEU A 133 22.09 -15.25 -6.09
C LEU A 133 22.00 -16.15 -7.32
N GLY A 134 23.12 -16.76 -7.69
CA GLY A 134 23.15 -17.62 -8.88
C GLY A 134 24.40 -17.38 -9.71
N GLY A 135 25.15 -16.35 -9.34
CA GLY A 135 26.35 -15.97 -10.08
C GLY A 135 26.09 -15.24 -11.38
N ALA A 136 27.15 -14.91 -12.10
CA ALA A 136 27.08 -14.11 -13.31
C ALA A 136 26.38 -14.85 -14.43
N CYS A 137 25.40 -14.18 -15.08
CA CYS A 137 24.67 -14.77 -16.22
C CYS A 137 24.88 -14.06 -17.55
N ARG A 138 25.76 -13.07 -17.55
CA ARG A 138 25.98 -12.19 -18.71
C ARG A 138 27.20 -11.37 -18.34
N THR A 139 27.84 -10.72 -19.32
CA THR A 139 29.09 -9.98 -19.07
C THR A 139 28.90 -8.60 -18.43
N GLY A 140 27.75 -7.97 -18.66
CA GLY A 140 27.38 -6.73 -17.95
C GLY A 140 25.89 -6.54 -18.17
N VAL A 141 25.32 -5.49 -17.58
CA VAL A 141 23.90 -5.22 -17.63
C VAL A 141 23.56 -4.11 -18.64
N THR A 142 22.93 -4.48 -19.75
CA THR A 142 22.61 -3.49 -20.79
C THR A 142 21.59 -2.49 -20.28
N VAL A 143 21.84 -1.20 -20.51
CA VAL A 143 20.97 -0.12 -20.02
C VAL A 143 20.36 0.66 -21.17
N TYR A 144 19.38 1.48 -20.84
CA TYR A 144 18.91 2.55 -21.73
C TYR A 144 19.03 3.91 -21.07
N GLY A 145 19.17 4.94 -21.90
CA GLY A 145 19.29 6.28 -21.44
C GLY A 145 18.07 7.06 -21.86
N HIS A 146 18.16 8.37 -21.69
CA HIS A 146 16.98 9.20 -21.69
C HIS A 146 17.13 10.40 -22.58
N ALA A 147 16.86 10.21 -23.87
CA ALA A 147 16.81 11.31 -24.84
C ALA A 147 15.51 12.10 -24.73
N ASN A 148 15.59 13.42 -24.65
CA ASN A 148 14.35 14.18 -24.72
C ASN A 148 14.59 15.51 -25.42
N GLY A 149 13.50 16.17 -25.80
CA GLY A 149 13.55 17.44 -26.50
C GLY A 149 12.16 18.02 -26.69
N GLU A 150 12.08 19.34 -26.76
CA GLU A 150 10.79 19.99 -27.02
C GLU A 150 10.23 19.60 -28.39
N THR A 151 11.09 19.58 -29.41
CA THR A 151 10.69 19.16 -30.74
C THR A 151 11.27 17.81 -31.10
N ILE A 152 10.67 17.19 -32.12
CA ILE A 152 11.19 15.97 -32.68
C ILE A 152 12.67 16.09 -33.03
N GLU A 153 13.05 17.18 -33.70
CA GLU A 153 14.47 17.39 -34.00
C GLU A 153 15.36 17.39 -32.75
N ASP A 154 14.91 18.10 -31.72
CA ASP A 154 15.61 18.16 -30.44
C ASP A 154 15.87 16.77 -29.89
N THR A 155 14.80 16.02 -29.77
CA THR A 155 14.86 14.66 -29.25
C THR A 155 15.84 13.80 -30.03
N ILE A 156 15.77 13.89 -31.35
CA ILE A 156 16.58 12.99 -32.16
C ILE A 156 18.05 13.29 -31.98
N ALA A 157 18.39 14.58 -32.02
CA ALA A 157 19.75 15.05 -31.74
C ALA A 157 20.24 14.50 -30.39
N GLU A 158 19.38 14.50 -29.38
CA GLU A 158 19.77 13.91 -28.11
C GLU A 158 20.01 12.40 -28.24
N ALA A 159 19.22 11.75 -29.07
CA ALA A 159 19.35 10.29 -29.18
C ALA A 159 20.67 9.97 -29.90
N VAL A 160 21.02 10.80 -30.88
CA VAL A 160 22.28 10.66 -31.61
C VAL A 160 23.41 10.78 -30.62
N LYS A 161 23.38 11.80 -29.78
CA LYS A 161 24.37 11.93 -28.72
C LYS A 161 24.47 10.59 -27.99
N TYR A 162 23.39 10.16 -27.35
CA TYR A 162 23.46 8.89 -26.61
C TYR A 162 24.06 7.74 -27.43
N LYS A 163 23.73 7.67 -28.71
CA LYS A 163 24.17 6.54 -29.52
C LYS A 163 25.67 6.59 -29.77
N ALA A 164 26.20 7.81 -29.84
CA ALA A 164 27.64 8.04 -29.90
C ALA A 164 28.31 7.67 -28.57
N MET A 165 27.59 7.84 -27.47
CA MET A 165 28.16 7.50 -26.16
C MET A 165 28.09 6.00 -25.90
N GLY A 166 27.62 5.23 -26.88
CA GLY A 166 27.67 3.77 -26.78
C GLY A 166 26.48 3.11 -26.12
N TYR A 167 25.40 3.87 -25.90
CA TYR A 167 24.15 3.30 -25.41
C TYR A 167 23.53 2.39 -26.48
N LYS A 168 23.12 1.19 -26.09
CA LYS A 168 22.52 0.23 -27.01
C LYS A 168 21.00 0.37 -27.04
N ALA A 169 20.45 0.99 -26.00
CA ALA A 169 19.02 1.26 -25.91
C ALA A 169 18.78 2.70 -25.49
N ILE A 170 17.80 3.35 -26.11
CA ILE A 170 17.49 4.73 -25.78
C ILE A 170 15.98 4.96 -25.70
N ARG A 171 15.55 5.63 -24.63
CA ARG A 171 14.16 6.11 -24.50
C ARG A 171 13.98 7.48 -25.14
N LEU A 172 12.88 7.65 -25.88
CA LEU A 172 12.58 8.88 -26.60
C LEU A 172 11.33 9.54 -26.03
N GLN A 173 11.48 10.77 -25.53
CA GLN A 173 10.33 11.62 -25.17
C GLN A 173 10.42 12.98 -25.87
N THR A 174 9.28 13.54 -26.22
CA THR A 174 9.28 14.79 -26.96
C THR A 174 8.06 15.63 -26.62
N GLY A 175 8.16 16.94 -26.77
CA GLY A 175 7.04 17.82 -26.47
C GLY A 175 5.86 17.49 -27.34
N VAL A 176 4.67 17.82 -26.86
CA VAL A 176 3.44 17.59 -27.60
C VAL A 176 2.97 18.90 -28.23
N PRO A 177 2.80 18.91 -29.56
CA PRO A 177 2.28 20.15 -30.18
C PRO A 177 1.01 20.67 -29.53
N GLY A 178 1.01 21.95 -29.14
CA GLY A 178 -0.17 22.54 -28.52
C GLY A 178 -0.34 22.26 -27.04
N LEU A 179 0.64 21.58 -26.43
CA LEU A 179 0.69 21.43 -24.97
C LEU A 179 1.93 22.11 -24.38
N ALA A 180 1.72 22.89 -23.32
CA ALA A 180 2.81 23.63 -22.68
C ALA A 180 3.87 22.70 -22.11
N SER A 181 3.44 21.52 -21.68
CA SER A 181 4.34 20.53 -21.12
C SER A 181 3.83 19.07 -21.20
N THR A 182 4.74 18.13 -21.02
CA THR A 182 4.36 16.72 -21.07
C THR A 182 5.49 15.93 -20.39
N TYR A 183 5.24 14.71 -19.99
CA TYR A 183 6.23 13.92 -19.28
C TYR A 183 7.54 13.74 -20.01
N GLY A 184 8.60 13.91 -19.24
CA GLY A 184 9.93 13.61 -19.66
C GLY A 184 10.69 14.60 -20.46
N VAL A 185 10.15 15.80 -20.62
CA VAL A 185 10.85 16.81 -21.33
C VAL A 185 11.19 17.96 -20.40
N SER A 186 12.43 18.38 -20.41
CA SER A 186 12.94 19.44 -19.58
C SER A 186 14.36 19.84 -19.97
N LYS A 187 14.98 20.71 -19.20
CA LYS A 187 16.33 21.19 -19.47
C LYS A 187 17.40 20.15 -19.20
N ASP A 188 16.99 19.06 -18.59
CA ASP A 188 17.90 18.02 -18.20
C ASP A 188 18.04 16.94 -19.27
N LYS A 189 19.26 16.58 -19.59
CA LYS A 189 19.54 15.72 -20.71
C LYS A 189 20.05 14.29 -20.46
N MET A 190 20.88 14.12 -19.44
CA MET A 190 21.39 12.78 -19.07
C MET A 190 20.48 12.10 -18.08
N PHE A 191 19.47 12.84 -17.63
CA PHE A 191 18.47 12.38 -16.65
C PHE A 191 17.25 13.27 -16.68
N TYR A 192 16.36 13.00 -15.75
CA TYR A 192 15.11 13.71 -15.63
C TYR A 192 14.70 13.79 -14.16
N GLU A 193 14.61 15.01 -13.62
CA GLU A 193 14.28 15.21 -12.22
C GLU A 193 12.98 16.04 -12.07
N PRO A 194 11.82 15.37 -12.16
CA PRO A 194 10.50 16.00 -12.10
C PRO A 194 10.05 16.52 -10.73
N ALA A 195 10.50 15.92 -9.63
CA ALA A 195 10.22 16.51 -8.29
C ALA A 195 11.04 17.77 -8.12
N ASP A 196 10.49 18.90 -8.59
CA ASP A 196 11.26 20.11 -8.75
C ASP A 196 10.68 21.29 -7.98
N ASN A 197 9.75 21.02 -7.06
CA ASN A 197 9.05 22.12 -6.37
C ASN A 197 8.55 21.76 -4.96
N ASP A 198 8.42 22.77 -4.10
CA ASP A 198 7.96 22.56 -2.72
C ASP A 198 6.44 22.44 -2.61
N LEU A 199 5.75 22.52 -3.75
CA LEU A 199 4.38 22.05 -3.90
C LEU A 199 4.29 21.50 -5.31
N PRO A 200 3.38 20.55 -5.55
CA PRO A 200 3.35 19.93 -6.88
C PRO A 200 3.18 20.90 -8.03
N THR A 201 4.07 20.84 -9.01
CA THR A 201 3.95 21.59 -10.23
C THR A 201 2.72 21.06 -10.99
N GLU A 202 1.91 21.97 -11.51
CA GLU A 202 0.65 21.60 -12.15
C GLU A 202 0.84 21.52 -13.64
N ASN A 203 0.36 20.43 -14.23
CA ASN A 203 0.42 20.30 -15.69
C ASN A 203 -0.95 20.16 -16.33
N ILE A 204 -1.00 20.46 -17.62
CA ILE A 204 -2.21 20.32 -18.42
C ILE A 204 -2.01 19.26 -19.50
N TRP A 205 -3.07 18.53 -19.83
CA TRP A 205 -2.95 17.36 -20.69
C TRP A 205 -4.07 17.20 -21.72
N SER A 206 -3.70 16.65 -22.86
CA SER A 206 -4.61 16.35 -23.94
C SER A 206 -4.16 15.04 -24.56
N THR A 207 -4.96 13.99 -24.36
CA THR A 207 -4.69 12.68 -24.97
C THR A 207 -4.74 12.78 -26.49
N ALA A 208 -5.82 13.36 -27.02
CA ALA A 208 -5.92 13.52 -28.48
C ALA A 208 -4.69 14.18 -29.10
N LYS A 209 -4.14 15.24 -28.49
CA LYS A 209 -2.98 15.90 -29.10
C LYS A 209 -1.71 15.02 -29.10
N TYR A 210 -1.57 14.22 -28.05
CA TYR A 210 -0.43 13.30 -27.97
C TYR A 210 -0.57 12.17 -28.96
N LEU A 211 -1.74 11.54 -28.97
CA LEU A 211 -1.98 10.40 -29.84
C LEU A 211 -1.76 10.78 -31.30
N ASN A 212 -2.13 12.02 -31.65
CA ASN A 212 -1.96 12.52 -33.03
C ASN A 212 -0.50 12.71 -33.45
N SER A 213 0.42 12.86 -32.50
CA SER A 213 1.73 13.37 -32.89
C SER A 213 2.93 12.48 -32.59
N VAL A 214 2.83 11.68 -31.52
CA VAL A 214 4.00 10.96 -31.03
C VAL A 214 4.55 9.88 -31.98
N PRO A 215 3.70 9.27 -32.83
CA PRO A 215 4.22 8.30 -33.81
C PRO A 215 5.23 8.92 -34.76
N LYS A 216 5.09 10.22 -35.03
CA LYS A 216 6.00 10.89 -35.95
C LYS A 216 7.42 10.85 -35.43
N LEU A 217 7.56 10.89 -34.11
CA LEU A 217 8.87 10.85 -33.43
C LEU A 217 9.70 9.59 -33.78
N PHE A 218 9.07 8.42 -33.66
CA PHE A 218 9.74 7.14 -33.91
C PHE A 218 9.94 6.87 -35.39
N GLU A 219 9.10 7.45 -36.23
CA GLU A 219 9.34 7.41 -37.66
C GLU A 219 10.64 8.13 -38.00
N ARG A 220 10.82 9.29 -37.40
CA ARG A 220 12.01 10.09 -37.66
C ARG A 220 13.22 9.42 -37.02
N ALA A 221 13.03 8.90 -35.81
CA ALA A 221 14.09 8.20 -35.11
C ALA A 221 14.68 7.08 -35.96
N ARG A 222 13.83 6.30 -36.61
CA ARG A 222 14.34 5.23 -37.43
C ARG A 222 15.09 5.77 -38.65
N GLU A 223 14.61 6.87 -39.24
CA GLU A 223 15.29 7.45 -40.40
C GLU A 223 16.70 7.89 -40.06
N VAL A 224 16.88 8.50 -38.89
CA VAL A 224 18.17 9.07 -38.55
C VAL A 224 19.08 8.07 -37.86
N LEU A 225 18.50 7.26 -36.97
CA LEU A 225 19.27 6.38 -36.11
C LEU A 225 19.49 4.95 -36.62
N GLY A 226 18.67 4.49 -37.57
CA GLY A 226 18.79 3.13 -38.06
C GLY A 226 18.02 2.15 -37.20
N TRP A 227 18.26 0.85 -37.42
CA TRP A 227 17.41 -0.24 -36.91
C TRP A 227 18.08 -1.12 -35.85
N ASP A 228 19.39 -0.97 -35.65
CA ASP A 228 20.07 -1.81 -34.68
C ASP A 228 19.86 -1.32 -33.25
N VAL A 229 19.68 -0.01 -33.09
CA VAL A 229 19.55 0.56 -31.74
C VAL A 229 18.14 0.29 -31.19
N HIS A 230 18.05 0.03 -29.88
CA HIS A 230 16.75 -0.25 -29.24
C HIS A 230 16.11 1.08 -28.81
N LEU A 231 14.83 1.26 -29.12
CA LEU A 231 14.14 2.50 -28.81
C LEU A 231 12.96 2.22 -27.91
N LEU A 232 12.83 3.02 -26.85
CA LEU A 232 11.75 2.87 -25.87
C LEU A 232 10.90 4.13 -25.79
N HIS A 233 9.73 4.00 -25.17
CA HIS A 233 8.85 5.14 -24.90
C HIS A 233 8.01 4.90 -23.64
N ASP A 234 7.94 5.90 -22.79
CA ASP A 234 7.15 5.83 -21.57
C ASP A 234 5.90 6.69 -21.78
N VAL A 235 4.75 6.03 -21.85
CA VAL A 235 3.46 6.72 -21.95
C VAL A 235 3.08 7.36 -20.64
N HIS A 236 3.46 6.74 -19.52
CA HIS A 236 3.35 7.38 -18.21
C HIS A 236 1.91 7.58 -17.73
N HIS A 237 1.11 6.52 -17.87
CA HIS A 237 -0.19 6.41 -17.19
C HIS A 237 -1.35 7.18 -17.80
N ARG A 238 -1.19 7.71 -19.00
CA ARG A 238 -2.14 8.69 -19.58
C ARG A 238 -3.18 8.19 -20.60
N LEU A 239 -3.23 6.90 -20.86
CA LEU A 239 -4.17 6.41 -21.87
C LEU A 239 -5.18 5.48 -21.25
N THR A 240 -6.25 5.22 -21.98
CA THR A 240 -7.17 4.11 -21.73
C THR A 240 -6.68 2.93 -22.56
N PRO A 241 -7.15 1.71 -22.26
CA PRO A 241 -6.72 0.53 -23.00
C PRO A 241 -6.97 0.58 -24.50
N ILE A 242 -8.14 1.04 -24.94
CA ILE A 242 -8.38 1.06 -26.38
C ILE A 242 -7.52 2.10 -27.05
N GLU A 243 -7.05 3.07 -26.27
CA GLU A 243 -6.16 4.10 -26.76
C GLU A 243 -4.71 3.63 -26.95
N ALA A 244 -4.18 2.97 -25.92
CA ALA A 244 -2.88 2.32 -25.95
C ALA A 244 -2.84 1.29 -27.05
N ALA A 245 -3.88 0.50 -27.15
CA ALA A 245 -3.97 -0.45 -28.23
C ALA A 245 -3.64 0.26 -29.54
N ARG A 246 -4.30 1.40 -29.76
CA ARG A 246 -4.09 2.15 -30.99
C ARG A 246 -2.69 2.75 -31.12
N LEU A 247 -2.14 3.28 -30.03
CA LEU A 247 -0.80 3.85 -30.09
C LEU A 247 0.15 2.69 -30.39
N GLY A 248 -0.07 1.57 -29.69
CA GLY A 248 0.75 0.39 -29.94
C GLY A 248 0.76 0.08 -31.43
N LYS A 249 -0.43 0.08 -32.04
CA LYS A 249 -0.57 -0.17 -33.48
C LYS A 249 0.17 0.80 -34.38
N ASP A 250 0.02 2.08 -34.10
CA ASP A 250 0.72 3.13 -34.85
C ASP A 250 2.24 3.04 -34.72
N LEU A 251 2.72 2.37 -33.69
CA LEU A 251 4.17 2.31 -33.40
C LEU A 251 4.87 1.05 -33.91
N GLU A 252 4.09 0.07 -34.35
CA GLU A 252 4.62 -1.22 -34.81
C GLU A 252 5.61 -1.10 -35.97
N PRO A 253 5.34 -0.19 -36.90
CA PRO A 253 6.29 -0.04 -37.99
C PRO A 253 7.70 0.29 -37.46
N TYR A 254 7.83 0.90 -36.29
CA TYR A 254 9.18 1.33 -35.80
C TYR A 254 9.81 0.37 -34.80
N ARG A 255 9.14 -0.75 -34.55
CA ARG A 255 9.72 -1.86 -33.78
C ARG A 255 10.38 -1.42 -32.46
N LEU A 256 9.59 -0.80 -31.59
CA LEU A 256 10.06 -0.37 -30.26
C LEU A 256 10.50 -1.52 -29.34
N PHE A 257 11.41 -1.23 -28.44
CA PHE A 257 11.83 -2.24 -27.48
C PHE A 257 10.68 -2.49 -26.51
N TRP A 258 10.02 -1.41 -26.12
CA TRP A 258 8.78 -1.51 -25.34
C TRP A 258 7.99 -0.20 -25.27
N LEU A 259 6.73 -0.33 -24.90
CA LEU A 259 5.87 0.81 -24.63
C LEU A 259 5.44 0.66 -23.19
N GLU A 260 5.86 1.62 -22.36
CA GLU A 260 5.81 1.45 -20.91
C GLU A 260 4.58 2.17 -20.30
N ASP A 261 4.08 1.63 -19.20
CA ASP A 261 2.99 2.24 -18.45
C ASP A 261 1.96 2.91 -19.36
N SER A 262 1.40 2.16 -20.32
CA SER A 262 0.49 2.80 -21.27
C SER A 262 -0.82 3.20 -20.58
N VAL A 263 -1.25 2.35 -19.65
CA VAL A 263 -2.47 2.60 -18.90
CA VAL A 263 -2.49 2.54 -18.91
C VAL A 263 -2.23 2.28 -17.43
N PRO A 264 -2.95 2.99 -16.53
CA PRO A 264 -2.92 2.68 -15.11
C PRO A 264 -3.40 1.25 -14.89
N ALA A 265 -2.67 0.49 -14.08
CA ALA A 265 -2.80 -0.96 -14.09
C ALA A 265 -3.46 -1.57 -12.85
N GLU A 266 -4.21 -0.81 -12.07
CA GLU A 266 -4.86 -1.40 -10.89
C GLU A 266 -5.84 -2.47 -11.36
N ASN A 267 -6.45 -2.21 -12.51
CA ASN A 267 -7.28 -3.19 -13.20
C ASN A 267 -6.41 -3.89 -14.24
N GLN A 268 -5.82 -5.01 -13.83
CA GLN A 268 -4.85 -5.67 -14.66
C GLN A 268 -5.52 -6.21 -15.93
N ALA A 269 -6.82 -6.47 -15.85
CA ALA A 269 -7.55 -6.96 -17.03
C ALA A 269 -7.51 -5.91 -18.15
N GLY A 270 -7.18 -4.68 -17.77
CA GLY A 270 -7.09 -3.58 -18.75
C GLY A 270 -6.11 -3.88 -19.87
N PHE A 271 -5.08 -4.67 -19.57
CA PHE A 271 -4.08 -4.99 -20.58
C PHE A 271 -4.50 -6.01 -21.64
N ARG A 272 -5.63 -6.67 -21.43
CA ARG A 272 -6.12 -7.62 -22.41
C ARG A 272 -6.40 -6.95 -23.75
N LEU A 273 -7.05 -5.79 -23.68
CA LEU A 273 -7.48 -5.11 -24.88
C LEU A 273 -6.30 -4.70 -25.73
N ILE A 274 -5.23 -4.27 -25.05
CA ILE A 274 -4.04 -3.83 -25.72
C ILE A 274 -3.34 -4.99 -26.43
N ARG A 275 -3.21 -6.09 -25.72
CA ARG A 275 -2.52 -7.29 -26.22
C ARG A 275 -3.29 -7.86 -27.42
N GLN A 276 -4.60 -7.76 -27.35
CA GLN A 276 -5.48 -8.24 -28.39
CA GLN A 276 -5.53 -8.21 -28.38
C GLN A 276 -5.32 -7.46 -29.69
N HIS A 277 -4.81 -6.24 -29.61
CA HIS A 277 -4.80 -5.38 -30.79
C HIS A 277 -3.44 -4.93 -31.30
N THR A 278 -2.38 -5.02 -30.49
CA THR A 278 -1.05 -4.63 -30.96
C THR A 278 0.01 -5.69 -30.61
N THR A 279 1.06 -5.71 -31.41
CA THR A 279 2.20 -6.57 -31.13
C THR A 279 3.38 -5.74 -30.64
N THR A 280 3.20 -4.42 -30.51
CA THR A 280 4.26 -3.61 -29.89
C THR A 280 4.50 -4.17 -28.46
N PRO A 281 5.75 -4.48 -28.11
CA PRO A 281 6.04 -5.06 -26.77
C PRO A 281 5.65 -4.12 -25.60
N LEU A 282 5.08 -4.67 -24.53
CA LEU A 282 4.60 -3.87 -23.40
C LEU A 282 5.43 -4.03 -22.11
N ALA A 283 5.66 -2.91 -21.43
CA ALA A 283 6.23 -2.89 -20.07
C ALA A 283 5.34 -2.13 -19.10
N VAL A 284 5.39 -2.55 -17.84
CA VAL A 284 4.69 -1.84 -16.78
C VAL A 284 5.26 -2.23 -15.40
N GLY A 285 5.10 -1.34 -14.43
CA GLY A 285 5.35 -1.77 -13.05
C GLY A 285 6.32 -1.02 -12.16
N GLU A 286 6.87 0.12 -12.57
CA GLU A 286 7.78 0.82 -11.66
C GLU A 286 7.14 1.07 -10.26
N ILE A 287 5.85 1.35 -10.23
CA ILE A 287 5.17 1.66 -8.97
C ILE A 287 4.76 0.41 -8.16
N PHE A 288 4.72 -0.75 -8.81
CA PHE A 288 4.28 -1.95 -8.08
C PHE A 288 4.97 -2.12 -6.74
N ALA A 289 4.19 -2.47 -5.72
CA ALA A 289 4.69 -2.71 -4.37
C ALA A 289 4.87 -4.19 -4.07
N HIS A 290 4.15 -5.06 -4.78
CA HIS A 290 4.23 -6.51 -4.49
C HIS A 290 3.86 -7.38 -5.69
N VAL A 291 4.07 -8.69 -5.57
CA VAL A 291 3.79 -9.57 -6.68
C VAL A 291 2.33 -9.45 -7.12
N TRP A 292 1.45 -9.27 -6.16
CA TRP A 292 0.02 -9.20 -6.45
C TRP A 292 -0.32 -8.11 -7.47
N ASP A 293 0.47 -7.04 -7.54
CA ASP A 293 0.24 -5.96 -8.52
C ASP A 293 0.48 -6.37 -9.98
N ALA A 294 1.17 -7.49 -10.17
CA ALA A 294 1.56 -7.95 -11.51
C ALA A 294 1.09 -9.37 -11.90
N LYS A 295 0.48 -10.09 -10.96
CA LYS A 295 0.20 -11.51 -11.14
C LYS A 295 -0.67 -11.81 -12.33
N GLN A 296 -1.79 -11.09 -12.44
CA GLN A 296 -2.68 -11.33 -13.55
C GLN A 296 -1.96 -10.95 -14.85
N LEU A 297 -1.24 -9.84 -14.81
CA LEU A 297 -0.51 -9.38 -15.99
C LEU A 297 0.52 -10.39 -16.46
N ILE A 298 1.18 -11.04 -15.51
CA ILE A 298 2.18 -12.04 -15.85
C ILE A 298 1.49 -13.33 -16.31
N GLU A 299 0.58 -13.84 -15.47
CA GLU A 299 -0.01 -15.15 -15.73
C GLU A 299 -0.83 -15.20 -17.01
N GLU A 300 -1.29 -14.04 -17.50
CA GLU A 300 -2.08 -14.00 -18.74
C GLU A 300 -1.24 -13.58 -19.93
N GLN A 301 0.07 -13.45 -19.70
CA GLN A 301 1.02 -13.03 -20.74
C GLN A 301 0.64 -11.69 -21.40
N LEU A 302 0.32 -10.69 -20.58
CA LEU A 302 -0.16 -9.39 -21.08
C LEU A 302 0.95 -8.39 -21.25
N ILE A 303 2.12 -8.68 -20.67
CA ILE A 303 3.25 -7.78 -20.78
C ILE A 303 4.47 -8.61 -21.14
N ASP A 304 5.50 -7.91 -21.62
CA ASP A 304 6.77 -8.55 -21.93
C ASP A 304 7.88 -8.13 -20.99
N TYR A 305 7.70 -7.02 -20.28
CA TYR A 305 8.70 -6.54 -19.33
C TYR A 305 8.06 -6.05 -18.03
N LEU A 306 8.60 -6.51 -16.91
CA LEU A 306 8.21 -5.98 -15.62
C LEU A 306 9.23 -4.97 -15.11
N ARG A 307 8.73 -3.81 -14.69
CA ARG A 307 9.56 -2.63 -14.31
C ARG A 307 9.72 -2.51 -12.79
N ALA A 308 9.11 -3.42 -12.06
CA ALA A 308 9.18 -3.37 -10.62
C ALA A 308 10.65 -3.48 -10.18
N THR A 309 10.97 -2.90 -9.03
CA THR A 309 12.36 -2.81 -8.56
C THR A 309 12.55 -3.32 -7.14
N VAL A 310 13.80 -3.58 -6.79
CA VAL A 310 14.14 -4.03 -5.44
C VAL A 310 13.75 -2.95 -4.44
N LEU A 311 13.74 -1.71 -4.89
CA LEU A 311 13.41 -0.61 -4.01
C LEU A 311 11.94 -0.58 -3.62
N HIS A 312 11.05 -0.62 -4.61
CA HIS A 312 9.63 -0.38 -4.32
C HIS A 312 8.76 -1.65 -4.22
N ALA A 313 9.36 -2.80 -4.50
CA ALA A 313 8.67 -4.09 -4.39
C ALA A 313 9.34 -5.05 -3.39
N GLY A 314 10.01 -4.50 -2.38
CA GLY A 314 10.40 -5.32 -1.25
C GLY A 314 11.78 -5.98 -1.32
N GLY A 315 12.69 -5.37 -2.07
CA GLY A 315 14.10 -5.76 -2.02
C GLY A 315 14.48 -6.98 -2.84
N ILE A 316 15.72 -7.42 -2.68
CA ILE A 316 16.27 -8.52 -3.49
C ILE A 316 15.46 -9.79 -3.31
N THR A 317 15.10 -10.05 -2.06
CA THR A 317 14.42 -11.30 -1.70
C THR A 317 13.16 -11.48 -2.54
N ASN A 318 12.40 -10.39 -2.65
CA ASN A 318 11.09 -10.49 -3.24
C ASN A 318 11.17 -10.41 -4.75
N LEU A 319 12.05 -9.55 -5.26
CA LEU A 319 12.09 -9.37 -6.71
C LEU A 319 12.53 -10.65 -7.39
N LYS A 320 13.38 -11.39 -6.70
CA LYS A 320 13.90 -12.67 -7.17
C LYS A 320 12.81 -13.73 -7.32
N LYS A 321 11.93 -13.81 -6.32
CA LYS A 321 10.78 -14.71 -6.40
C LYS A 321 9.94 -14.28 -7.60
N ILE A 322 9.74 -12.97 -7.74
CA ILE A 322 8.91 -12.43 -8.82
C ILE A 322 9.49 -12.72 -10.22
N ALA A 323 10.78 -12.49 -10.39
CA ALA A 323 11.44 -12.77 -11.66
C ALA A 323 11.28 -14.23 -12.10
N ALA A 324 11.22 -15.12 -11.12
CA ALA A 324 11.14 -16.54 -11.39
C ALA A 324 9.75 -16.87 -11.92
N PHE A 325 8.74 -16.28 -11.29
CA PHE A 325 7.37 -16.44 -11.70
C PHE A 325 7.20 -15.87 -13.09
N ALA A 326 7.89 -14.76 -13.34
CA ALA A 326 7.84 -14.05 -14.62
C ALA A 326 8.45 -14.88 -15.75
N ASP A 327 9.47 -15.66 -15.42
CA ASP A 327 10.18 -16.44 -16.43
C ASP A 327 9.30 -17.55 -16.97
N LEU A 328 8.31 -17.97 -16.19
CA LEU A 328 7.37 -19.00 -16.65
C LEU A 328 6.42 -18.51 -17.73
N HIS A 329 6.33 -17.19 -17.87
CA HIS A 329 5.37 -16.61 -18.79
C HIS A 329 6.01 -15.66 -19.82
N HIS A 330 7.26 -15.96 -20.18
CA HIS A 330 7.98 -15.15 -21.15
C HIS A 330 8.15 -13.67 -20.76
N VAL A 331 8.12 -13.38 -19.47
CA VAL A 331 8.28 -12.01 -19.02
C VAL A 331 9.69 -11.76 -18.54
N LYS A 332 10.28 -10.65 -18.98
CA LYS A 332 11.62 -10.27 -18.58
C LYS A 332 11.62 -9.09 -17.63
N THR A 333 12.73 -8.87 -16.96
CA THR A 333 12.86 -7.70 -16.09
C THR A 333 13.31 -6.45 -16.86
N GLY A 334 12.62 -5.35 -16.62
CA GLY A 334 13.01 -4.06 -17.18
C GLY A 334 13.08 -3.03 -16.06
N CYS A 335 13.90 -3.28 -15.07
CA CYS A 335 13.83 -2.54 -13.85
C CYS A 335 13.88 -1.02 -13.97
N HIS A 336 12.96 -0.37 -13.28
CA HIS A 336 12.91 1.06 -13.23
C HIS A 336 14.25 1.58 -12.72
N GLY A 337 14.71 2.69 -13.24
CA GLY A 337 16.03 3.21 -12.89
C GLY A 337 16.19 4.70 -12.73
N ALA A 338 15.16 5.34 -12.23
CA ALA A 338 15.15 6.77 -12.19
C ALA A 338 16.10 7.36 -11.11
N THR A 339 16.34 8.65 -11.16
CA THR A 339 17.27 9.30 -10.24
C THR A 339 16.88 9.11 -8.78
N ASP A 340 15.60 8.92 -8.54
CA ASP A 340 15.05 8.74 -7.19
C ASP A 340 15.26 7.33 -6.67
N LEU A 341 16.03 6.53 -7.40
CA LEU A 341 16.61 5.30 -6.83
C LEU A 341 18.07 5.59 -6.60
N SER A 342 18.50 5.56 -5.35
CA SER A 342 19.86 5.96 -4.99
C SER A 342 20.90 4.99 -5.53
N PRO A 343 22.18 5.38 -5.48
CA PRO A 343 23.20 4.41 -5.88
C PRO A 343 23.08 3.09 -5.09
N VAL A 344 22.44 3.13 -3.92
CA VAL A 344 22.41 1.93 -3.11
C VAL A 344 21.46 0.92 -3.77
N THR A 345 20.29 1.41 -4.17
CA THR A 345 19.33 0.64 -4.96
C THR A 345 20.00 0.13 -6.26
N MET A 346 20.69 1.02 -6.98
CA MET A 346 21.32 0.63 -8.24
C MET A 346 22.39 -0.45 -8.03
N ALA A 347 23.20 -0.37 -6.99
CA ALA A 347 24.14 -1.46 -6.72
C ALA A 347 23.36 -2.77 -6.60
N ALA A 348 22.29 -2.71 -5.82
CA ALA A 348 21.43 -3.87 -5.53
C ALA A 348 20.71 -4.37 -6.79
N ALA A 349 20.19 -3.46 -7.59
CA ALA A 349 19.58 -3.83 -8.85
C ALA A 349 20.57 -4.54 -9.78
N LEU A 350 21.81 -4.07 -9.79
CA LEU A 350 22.81 -4.67 -10.68
C LEU A 350 23.13 -6.11 -10.27
N HIS A 351 23.19 -6.38 -8.96
CA HIS A 351 23.55 -7.73 -8.51
C HIS A 351 22.41 -8.69 -8.89
N PHE A 352 21.19 -8.16 -8.89
CA PHE A 352 20.01 -8.92 -9.27
C PHE A 352 20.01 -9.16 -10.78
N ASP A 353 20.18 -8.08 -11.54
CA ASP A 353 20.24 -8.12 -12.99
C ASP A 353 21.31 -9.12 -13.47
N MET A 354 22.40 -9.23 -12.73
CA MET A 354 23.51 -10.07 -13.19
C MET A 354 23.20 -11.56 -13.04
N SER A 355 22.31 -11.85 -12.10
CA SER A 355 22.18 -13.20 -11.58
C SER A 355 21.00 -14.00 -12.09
N ILE A 356 20.19 -13.41 -12.97
CA ILE A 356 19.00 -14.10 -13.48
C ILE A 356 19.08 -14.39 -14.99
N THR A 357 18.36 -15.42 -15.42
CA THR A 357 18.27 -15.76 -16.83
C THR A 357 17.39 -14.76 -17.64
N ASN A 358 16.22 -14.40 -17.10
CA ASN A 358 15.24 -13.54 -17.80
C ASN A 358 15.41 -12.01 -17.61
N PHE A 359 16.64 -11.55 -17.56
CA PHE A 359 16.94 -10.12 -17.55
C PHE A 359 16.62 -9.51 -18.93
N GLY A 360 15.97 -8.36 -18.94
CA GLY A 360 15.63 -7.69 -20.21
C GLY A 360 16.46 -6.44 -20.43
N LEU A 361 16.39 -5.54 -19.46
CA LEU A 361 17.05 -4.23 -19.59
C LEU A 361 17.10 -3.55 -18.25
N GLN A 362 18.07 -2.63 -18.07
CA GLN A 362 18.11 -1.82 -16.86
C GLN A 362 18.09 -0.34 -17.20
N GLU A 363 17.13 0.39 -16.67
CA GLU A 363 17.10 1.83 -16.86
C GLU A 363 18.25 2.48 -16.10
N TYR A 364 18.88 3.48 -16.71
CA TYR A 364 20.02 4.13 -16.07
C TYR A 364 19.98 5.62 -16.31
N MET A 365 19.43 6.37 -15.33
CA MET A 365 19.52 7.84 -15.26
C MET A 365 20.76 8.24 -14.43
N ARG A 366 21.56 9.17 -14.93
CA ARG A 366 22.78 9.58 -14.21
C ARG A 366 22.44 10.34 -12.93
N HIS A 367 23.05 9.97 -11.81
CA HIS A 367 22.88 10.83 -10.62
C HIS A 367 23.81 12.03 -10.74
N THR A 368 23.64 13.03 -9.87
CA THR A 368 24.60 14.16 -9.76
C THR A 368 25.95 13.71 -9.22
N PRO A 369 27.02 14.52 -9.44
CA PRO A 369 28.31 14.14 -8.90
C PRO A 369 28.32 14.26 -7.39
N GLU A 370 27.44 15.09 -6.83
CA GLU A 370 27.29 15.15 -5.36
C GLU A 370 26.64 13.88 -4.75
N THR A 371 25.63 13.33 -5.44
CA THR A 371 25.01 12.06 -5.06
C THR A 371 26.07 10.95 -5.09
N ASP A 372 26.83 10.90 -6.18
CA ASP A 372 27.88 9.88 -6.30
C ASP A 372 28.90 9.97 -5.17
N ALA A 373 29.24 11.18 -4.75
CA ALA A 373 30.19 11.39 -3.66
C ALA A 373 29.65 10.88 -2.32
N VAL A 374 28.36 11.04 -2.12
CA VAL A 374 27.73 10.69 -0.86
C VAL A 374 27.53 9.18 -0.77
N PHE A 375 27.35 8.56 -1.93
CA PHE A 375 27.14 7.11 -2.02
C PHE A 375 28.22 6.44 -2.88
N PRO A 376 29.51 6.52 -2.44
CA PRO A 376 30.61 5.90 -3.19
C PRO A 376 30.31 4.46 -3.52
N HIS A 377 30.49 4.07 -4.77
CA HIS A 377 30.04 2.77 -5.23
C HIS A 377 31.08 2.15 -6.15
N ALA A 378 31.04 0.82 -6.25
CA ALA A 378 32.00 0.07 -7.05
C ALA A 378 31.55 -0.19 -8.49
N TYR A 379 30.26 -0.03 -8.75
CA TYR A 379 29.71 -0.28 -10.09
C TYR A 379 30.19 0.70 -11.14
N THR A 380 30.34 0.21 -12.37
CA THR A 380 30.93 1.00 -13.47
C THR A 380 30.12 0.91 -14.76
N PHE A 381 30.30 1.89 -15.63
CA PHE A 381 29.57 1.94 -16.88
C PHE A 381 30.56 1.90 -18.02
N SER A 382 30.32 1.03 -19.00
CA SER A 382 31.15 1.00 -20.20
CA SER A 382 31.16 0.98 -20.20
C SER A 382 30.45 0.22 -21.33
N ASP A 383 30.65 0.65 -22.57
CA ASP A 383 30.07 -0.03 -23.74
C ASP A 383 28.60 -0.36 -23.55
N GLY A 384 27.84 0.62 -23.08
CA GLY A 384 26.40 0.47 -22.95
C GLY A 384 25.92 -0.37 -21.78
N MET A 385 26.84 -0.75 -20.91
CA MET A 385 26.55 -1.66 -19.82
C MET A 385 27.05 -1.17 -18.48
N LEU A 386 26.24 -1.44 -17.46
CA LEU A 386 26.67 -1.30 -16.07
C LEU A 386 27.21 -2.62 -15.55
N HIS A 387 28.10 -2.54 -14.58
CA HIS A 387 28.55 -3.76 -13.89
C HIS A 387 28.76 -3.47 -12.43
N PRO A 388 28.33 -4.38 -11.55
CA PRO A 388 28.30 -4.07 -10.13
C PRO A 388 29.67 -4.12 -9.47
N GLY A 389 30.66 -4.70 -10.15
CA GLY A 389 31.98 -4.80 -9.57
C GLY A 389 32.06 -6.08 -8.75
N ASP A 390 33.16 -6.29 -8.04
CA ASP A 390 33.33 -7.57 -7.36
C ASP A 390 33.75 -7.41 -5.90
N LYS A 391 33.34 -6.31 -5.28
CA LYS A 391 33.56 -6.14 -3.86
C LYS A 391 32.61 -7.02 -3.05
N PRO A 392 33.03 -7.40 -1.85
CA PRO A 392 32.13 -8.15 -0.98
C PRO A 392 30.86 -7.37 -0.69
N GLY A 393 29.72 -8.06 -0.66
CA GLY A 393 28.42 -7.42 -0.46
C GLY A 393 27.99 -6.63 -1.67
N LEU A 394 27.28 -5.52 -1.43
CA LEU A 394 26.72 -4.73 -2.52
C LEU A 394 27.73 -3.88 -3.28
N GLY A 395 28.81 -3.51 -2.59
CA GLY A 395 29.81 -2.63 -3.20
C GLY A 395 29.38 -1.19 -3.19
N VAL A 396 28.67 -0.81 -2.14
CA VAL A 396 28.22 0.57 -1.94
C VAL A 396 28.22 0.93 -0.44
N ASP A 397 28.37 2.21 -0.13
CA ASP A 397 28.27 2.68 1.25
C ASP A 397 27.76 4.11 1.22
N ILE A 398 27.59 4.71 2.39
CA ILE A 398 27.11 6.08 2.50
C ILE A 398 28.08 6.92 3.36
N ASP A 399 28.60 8.00 2.80
CA ASP A 399 29.49 8.90 3.52
C ASP A 399 28.67 9.81 4.45
N GLU A 400 28.56 9.41 5.70
CA GLU A 400 27.69 10.08 6.64
C GLU A 400 28.09 11.54 6.83
N ASP A 401 29.39 11.81 6.82
CA ASP A 401 29.82 13.18 7.06
C ASP A 401 29.44 14.02 5.88
N LEU A 402 29.74 13.55 4.69
CA LEU A 402 29.32 14.27 3.52
C LEU A 402 27.78 14.33 3.46
N ALA A 403 27.14 13.24 3.90
CA ALA A 403 25.68 13.16 3.90
C ALA A 403 25.08 14.29 4.74
N ALA A 404 25.64 14.49 5.93
CA ALA A 404 25.18 15.51 6.88
C ALA A 404 25.31 16.92 6.30
N LYS A 405 26.11 17.08 5.25
CA LYS A 405 26.27 18.39 4.62
C LYS A 405 25.08 18.81 3.76
N HIS A 406 24.12 17.91 3.52
CA HIS A 406 22.99 18.19 2.64
C HIS A 406 21.65 17.75 3.25
N PRO A 407 21.00 18.64 4.01
CA PRO A 407 19.76 18.26 4.71
C PRO A 407 18.58 18.06 3.76
N TYR A 408 17.60 17.30 4.24
CA TYR A 408 16.36 17.09 3.55
C TYR A 408 15.81 18.40 3.01
N LYS A 409 15.30 18.38 1.79
CA LYS A 409 14.52 19.50 1.25
C LYS A 409 13.27 18.98 0.53
N ARG A 410 12.12 19.47 0.96
CA ARG A 410 10.82 19.01 0.50
C ARG A 410 10.73 19.23 -0.99
N ALA A 411 10.33 18.19 -1.73
CA ALA A 411 10.14 18.31 -3.17
C ALA A 411 9.09 17.29 -3.60
N TYR A 412 8.14 17.74 -4.41
CA TYR A 412 6.99 16.91 -4.81
C TYR A 412 7.05 16.52 -6.29
N LEU A 413 6.57 15.32 -6.63
CA LEU A 413 6.34 15.00 -8.03
C LEU A 413 5.25 15.90 -8.62
N PRO A 414 5.30 16.12 -9.93
CA PRO A 414 4.25 16.96 -10.53
C PRO A 414 2.87 16.26 -10.55
N VAL A 415 1.82 17.02 -10.86
CA VAL A 415 0.48 16.47 -11.07
C VAL A 415 -0.05 16.94 -12.42
N ASN A 416 -1.21 16.43 -12.82
CA ASN A 416 -1.64 16.56 -14.20
C ASN A 416 -3.16 16.60 -14.24
N ARG A 417 -3.72 17.62 -14.89
CA ARG A 417 -5.16 17.72 -15.10
C ARG A 417 -5.50 17.73 -16.59
N LEU A 418 -6.72 17.34 -16.94
CA LEU A 418 -7.19 17.48 -18.31
C LEU A 418 -7.49 18.93 -18.64
N GLU A 419 -7.77 19.21 -19.91
CA GLU A 419 -8.05 20.57 -20.36
C GLU A 419 -9.23 21.17 -19.60
N ASP A 420 -10.20 20.34 -19.23
CA ASP A 420 -11.38 20.82 -18.49
C ASP A 420 -11.16 20.95 -16.98
N GLY A 421 -9.93 20.70 -16.53
CA GLY A 421 -9.62 20.76 -15.11
C GLY A 421 -9.67 19.42 -14.38
N THR A 422 -10.15 18.38 -15.05
CA THR A 422 -10.27 17.08 -14.42
C THR A 422 -8.94 16.61 -13.82
N MET A 423 -8.96 16.19 -12.55
CA MET A 423 -7.76 15.63 -11.92
C MET A 423 -7.38 14.35 -12.62
N PHE A 424 -6.13 14.25 -13.09
CA PHE A 424 -5.73 13.15 -13.98
C PHE A 424 -4.44 12.53 -13.49
N ASN A 425 -3.79 11.74 -14.34
CA ASN A 425 -2.56 11.06 -13.92
C ASN A 425 -1.32 11.72 -14.50
N TRP A 426 -0.35 12.01 -13.66
CA TRP A 426 0.91 12.54 -14.14
C TRP A 426 1.81 11.35 -14.52
N MET B 24 -17.49 29.06 -1.72
CA MET B 24 -16.03 28.76 -1.65
C MET B 24 -15.55 28.70 -0.19
N LEU B 25 -15.06 27.53 0.24
CA LEU B 25 -14.64 27.34 1.64
C LEU B 25 -13.11 27.17 1.77
N LYS B 26 -12.39 28.29 1.84
CA LYS B 26 -10.94 28.22 1.84
C LYS B 26 -10.40 27.49 3.07
N ILE B 27 -9.51 26.54 2.84
CA ILE B 27 -8.82 25.89 3.96
C ILE B 27 -7.65 26.75 4.45
N ILE B 28 -7.73 27.17 5.71
CA ILE B 28 -6.68 28.03 6.28
C ILE B 28 -5.72 27.27 7.19
N ASP B 29 -6.12 26.11 7.67
CA ASP B 29 -5.23 25.34 8.55
C ASP B 29 -5.62 23.87 8.59
N ALA B 30 -4.67 23.01 8.96
CA ALA B 30 -4.88 21.59 8.95
C ALA B 30 -3.81 20.97 9.83
N LYS B 31 -4.21 20.44 10.98
CA LYS B 31 -3.24 19.95 11.93
C LYS B 31 -3.53 18.49 12.33
N VAL B 32 -2.46 17.77 12.59
CA VAL B 32 -2.53 16.35 12.93
C VAL B 32 -2.37 16.21 14.43
N ILE B 33 -3.28 15.50 15.08
CA ILE B 33 -3.23 15.40 16.54
C ILE B 33 -3.07 13.94 16.99
N VAL B 34 -2.11 13.71 17.88
CA VAL B 34 -1.79 12.35 18.35
C VAL B 34 -2.06 12.22 19.87
N THR B 35 -2.89 11.26 20.25
CA THR B 35 -3.22 11.14 21.66
C THR B 35 -3.36 9.66 22.04
N CYS B 36 -3.30 9.33 23.32
CA CYS B 36 -3.36 7.91 23.68
C CYS B 36 -4.14 7.67 24.96
N PRO B 37 -5.46 7.95 24.91
CA PRO B 37 -6.41 7.76 26.02
C PRO B 37 -6.82 6.31 26.17
N GLY B 38 -5.87 5.44 26.48
CA GLY B 38 -6.18 4.02 26.50
C GLY B 38 -5.57 3.29 25.31
N ARG B 39 -5.50 3.95 24.16
CA ARG B 39 -4.69 3.46 23.02
C ARG B 39 -4.43 4.60 22.07
N ASN B 40 -3.48 4.42 21.16
CA ASN B 40 -3.14 5.49 20.23
C ASN B 40 -4.23 5.79 19.23
N PHE B 41 -4.41 7.08 18.95
CA PHE B 41 -5.27 7.57 17.89
C PHE B 41 -4.65 8.77 17.21
N VAL B 42 -4.76 8.79 15.88
CA VAL B 42 -4.32 9.93 15.09
C VAL B 42 -5.51 10.61 14.44
N THR B 43 -5.56 11.93 14.59
CA THR B 43 -6.69 12.70 14.09
C THR B 43 -6.24 13.88 13.25
N LEU B 44 -6.98 14.13 12.18
CA LEU B 44 -6.72 15.27 11.34
C LEU B 44 -7.84 16.27 11.57
N LYS B 45 -7.46 17.53 11.79
CA LYS B 45 -8.46 18.56 12.00
C LYS B 45 -8.23 19.69 11.03
N ILE B 46 -9.19 19.91 10.11
CA ILE B 46 -9.09 20.94 9.10
C ILE B 46 -9.93 22.15 9.51
N THR B 47 -9.38 23.35 9.31
CA THR B 47 -10.10 24.59 9.62
C THR B 47 -10.31 25.44 8.38
N THR B 48 -11.54 25.92 8.19
CA THR B 48 -11.88 26.75 7.04
C THR B 48 -11.85 28.23 7.42
N GLU B 49 -11.67 29.07 6.43
CA GLU B 49 -11.66 30.50 6.60
C GLU B 49 -12.69 31.05 7.60
N ASP B 50 -13.89 30.47 7.63
CA ASP B 50 -14.92 31.02 8.52
C ASP B 50 -15.06 30.32 9.85
N GLY B 51 -14.05 29.54 10.22
CA GLY B 51 -14.03 28.92 11.54
C GLY B 51 -14.78 27.59 11.59
N ILE B 52 -15.26 27.15 10.44
CA ILE B 52 -15.88 25.83 10.39
C ILE B 52 -14.80 24.74 10.34
N THR B 53 -14.85 23.81 11.27
CA THR B 53 -13.83 22.78 11.36
C THR B 53 -14.37 21.38 11.08
N GLY B 54 -13.46 20.48 10.75
CA GLY B 54 -13.83 19.08 10.54
C GLY B 54 -12.72 18.17 11.05
N VAL B 55 -13.09 16.99 11.53
CA VAL B 55 -12.07 16.00 11.92
C VAL B 55 -12.19 14.69 11.15
N GLY B 56 -11.07 13.99 11.02
CA GLY B 56 -11.06 12.70 10.36
C GLY B 56 -10.03 11.83 11.05
N ASP B 57 -10.35 10.56 11.25
CA ASP B 57 -9.45 9.61 11.88
C ASP B 57 -8.34 9.18 10.90
N ALA B 58 -7.13 8.98 11.41
CA ALA B 58 -6.00 8.59 10.56
C ALA B 58 -5.17 7.50 11.23
N THR B 59 -5.81 6.79 12.16
CA THR B 59 -5.14 5.76 12.94
C THR B 59 -4.83 4.49 12.13
N LEU B 60 -3.57 4.06 12.17
CA LEU B 60 -3.13 2.79 11.61
C LEU B 60 -2.42 2.01 12.70
N ASN B 61 -3.18 1.14 13.39
CA ASN B 61 -2.67 0.45 14.57
C ASN B 61 -1.27 -0.08 14.34
N GLY B 62 -0.32 0.33 15.17
CA GLY B 62 1.01 -0.27 15.13
C GLY B 62 1.93 0.33 14.09
N ARG B 63 1.42 1.26 13.31
CA ARG B 63 2.26 2.00 12.38
C ARG B 63 1.81 3.45 12.29
N GLU B 64 1.29 3.96 13.41
CA GLU B 64 0.66 5.27 13.51
C GLU B 64 1.47 6.47 12.98
N LEU B 65 2.70 6.62 13.46
CA LEU B 65 3.52 7.81 13.13
C LEU B 65 3.83 7.92 11.65
N SER B 66 3.80 6.79 10.95
CA SER B 66 4.05 6.79 9.51
CA SER B 66 4.06 6.81 9.52
C SER B 66 2.92 7.54 8.80
N VAL B 67 1.69 7.35 9.27
CA VAL B 67 0.58 8.09 8.70
C VAL B 67 0.68 9.57 9.08
N VAL B 68 1.07 9.83 10.33
CA VAL B 68 1.25 11.18 10.81
C VAL B 68 2.19 11.93 9.89
N SER B 69 3.31 11.31 9.53
CA SER B 69 4.26 11.92 8.60
C SER B 69 3.67 12.09 7.20
N PHE B 70 2.99 11.06 6.72
CA PHE B 70 2.49 11.08 5.36
C PHE B 70 1.58 12.29 5.22
N LEU B 71 0.80 12.57 6.26
CA LEU B 71 -0.10 13.72 6.30
C LEU B 71 0.59 15.05 6.54
N GLN B 72 1.21 15.25 7.70
CA GLN B 72 1.76 16.57 7.99
C GLN B 72 2.96 16.97 7.14
N ASP B 73 3.84 16.03 6.83
CA ASP B 73 5.00 16.35 6.01
C ASP B 73 4.72 16.43 4.54
N HIS B 74 3.67 15.76 4.08
CA HIS B 74 3.46 15.66 2.64
C HIS B 74 2.10 16.11 2.08
N MET B 75 1.00 15.66 2.67
CA MET B 75 -0.30 15.99 2.12
C MET B 75 -0.74 17.36 2.58
N VAL B 76 -0.55 17.62 3.87
CA VAL B 76 -1.16 18.81 4.48
C VAL B 76 -0.87 20.14 3.80
N PRO B 77 0.34 20.31 3.28
CA PRO B 77 0.78 21.58 2.67
C PRO B 77 0.00 21.89 1.40
N SER B 78 -0.46 20.85 0.72
CA SER B 78 -1.30 21.01 -0.45
C SER B 78 -2.74 21.43 -0.09
N LEU B 79 -3.20 21.09 1.12
CA LEU B 79 -4.55 21.48 1.55
C LEU B 79 -4.74 22.98 1.71
N ILE B 80 -3.73 23.64 2.25
CA ILE B 80 -3.82 25.05 2.53
C ILE B 80 -4.25 25.85 1.30
N GLY B 81 -5.31 26.64 1.45
CA GLY B 81 -5.80 27.48 0.35
C GLY B 81 -6.78 26.81 -0.59
N ARG B 82 -6.96 25.49 -0.50
CA ARG B 82 -7.98 24.82 -1.34
C ARG B 82 -9.44 25.00 -0.86
N ASP B 83 -10.38 24.85 -1.80
CA ASP B 83 -11.81 24.93 -1.49
C ASP B 83 -12.33 23.60 -0.91
N ALA B 84 -12.64 23.60 0.38
CA ALA B 84 -13.09 22.39 1.11
C ALA B 84 -14.34 21.78 0.47
N HIS B 85 -15.07 22.57 -0.32
CA HIS B 85 -16.22 22.00 -1.07
C HIS B 85 -15.86 20.88 -2.02
N GLN B 86 -14.72 21.00 -2.70
CA GLN B 86 -14.30 20.01 -3.71
C GLN B 86 -13.84 18.69 -3.12
N ILE B 87 -14.78 17.91 -2.58
CA ILE B 87 -14.39 16.66 -1.95
C ILE B 87 -13.78 15.65 -2.92
N GLU B 88 -14.43 15.45 -4.06
CA GLU B 88 -13.98 14.41 -4.95
C GLU B 88 -12.69 14.81 -5.63
N ASP B 89 -12.50 16.11 -5.85
CA ASP B 89 -11.28 16.57 -6.55
C ASP B 89 -10.07 16.45 -5.65
N ILE B 90 -10.26 16.86 -4.40
CA ILE B 90 -9.24 16.66 -3.40
C ILE B 90 -8.89 15.17 -3.21
N TRP B 91 -9.90 14.33 -3.17
CA TRP B 91 -9.71 12.88 -3.09
C TRP B 91 -8.80 12.36 -4.21
N GLN B 92 -9.16 12.69 -5.45
CA GLN B 92 -8.38 12.36 -6.63
C GLN B 92 -7.00 13.04 -6.62
N PHE B 93 -6.98 14.32 -6.30
CA PHE B 93 -5.68 15.00 -6.20
C PHE B 93 -4.70 14.21 -5.36
N PHE B 94 -5.16 13.69 -4.23
CA PHE B 94 -4.26 12.97 -3.35
C PHE B 94 -3.98 11.54 -3.77
N TYR B 95 -5.01 10.83 -4.23
CA TYR B 95 -4.83 9.46 -4.64
C TYR B 95 -3.90 9.32 -5.84
N ARG B 96 -4.16 10.13 -6.86
CA ARG B 96 -3.42 10.12 -8.13
C ARG B 96 -2.10 10.88 -8.01
N GLY B 97 -2.13 11.97 -7.25
CA GLY B 97 -0.96 12.83 -7.13
C GLY B 97 0.20 12.25 -6.35
N SER B 98 -0.08 11.27 -5.49
CA SER B 98 0.99 10.61 -4.75
C SER B 98 1.94 9.85 -5.68
N TYR B 99 1.44 9.53 -6.87
CA TYR B 99 2.15 8.71 -7.85
C TYR B 99 2.21 7.23 -7.43
N TRP B 100 2.76 6.96 -6.26
CA TRP B 100 2.73 5.61 -5.73
C TRP B 100 1.36 5.43 -5.08
N ARG B 101 0.53 4.59 -5.67
CA ARG B 101 -0.89 4.59 -5.33
C ARG B 101 -1.30 3.55 -4.30
N GLY B 102 -2.36 3.86 -3.57
CA GLY B 102 -2.96 2.91 -2.68
C GLY B 102 -2.05 2.52 -1.54
N GLY B 103 -2.36 1.42 -0.89
CA GLY B 103 -1.61 1.01 0.27
C GLY B 103 -2.18 1.60 1.55
N PRO B 104 -2.15 0.83 2.64
CA PRO B 104 -2.63 1.14 3.99
C PRO B 104 -2.26 2.55 4.43
N VAL B 105 -0.99 2.93 4.30
CA VAL B 105 -0.59 4.28 4.71
C VAL B 105 -1.31 5.35 3.91
N ALA B 106 -1.10 5.36 2.61
CA ALA B 106 -1.69 6.39 1.78
C ALA B 106 -3.19 6.49 1.94
N MET B 107 -3.88 5.34 2.04
CA MET B 107 -5.34 5.35 1.98
C MET B 107 -5.94 5.71 3.32
N THR B 108 -5.24 5.35 4.39
CA THR B 108 -5.63 5.78 5.74
C THR B 108 -5.46 7.29 5.87
N ALA B 109 -4.34 7.84 5.36
CA ALA B 109 -4.15 9.30 5.38
C ALA B 109 -5.22 10.03 4.58
N LEU B 110 -5.63 9.44 3.47
CA LEU B 110 -6.63 10.05 2.60
C LEU B 110 -8.00 9.94 3.24
N ALA B 111 -8.21 8.85 3.98
CA ALA B 111 -9.46 8.68 4.74
C ALA B 111 -9.71 9.84 5.71
N ALA B 112 -8.67 10.21 6.44
CA ALA B 112 -8.75 11.29 7.42
C ALA B 112 -9.19 12.58 6.73
N VAL B 113 -8.56 12.89 5.59
CA VAL B 113 -8.92 14.07 4.80
C VAL B 113 -10.36 13.98 4.38
N ASP B 114 -10.76 12.82 3.86
CA ASP B 114 -12.11 12.64 3.32
C ASP B 114 -13.17 12.84 4.40
N MET B 115 -12.97 12.17 5.54
CA MET B 115 -13.88 12.28 6.68
C MET B 115 -14.06 13.74 7.10
N ALA B 116 -12.96 14.49 7.14
CA ALA B 116 -12.99 15.87 7.66
C ALA B 116 -13.69 16.81 6.69
N LEU B 117 -13.48 16.61 5.39
CA LEU B 117 -14.21 17.38 4.36
C LEU B 117 -15.71 17.08 4.38
N TRP B 118 -16.07 15.80 4.55
CA TRP B 118 -17.48 15.45 4.70
C TRP B 118 -18.10 16.08 5.94
N ASP B 119 -17.34 16.10 7.04
CA ASP B 119 -17.75 16.76 8.30
C ASP B 119 -18.03 18.23 8.03
N ILE B 120 -17.10 18.90 7.35
CA ILE B 120 -17.26 20.31 6.99
C ILE B 120 -18.44 20.48 6.03
N LYS B 121 -18.54 19.63 5.01
CA LYS B 121 -19.72 19.65 4.12
C LYS B 121 -21.02 19.60 4.96
N GLY B 122 -21.12 18.62 5.83
CA GLY B 122 -22.27 18.52 6.72
C GLY B 122 -22.55 19.83 7.42
N LYS B 123 -21.54 20.44 8.02
CA LYS B 123 -21.78 21.66 8.80
C LYS B 123 -22.26 22.80 7.91
N VAL B 124 -21.61 22.96 6.76
CA VAL B 124 -22.02 24.01 5.86
C VAL B 124 -23.50 23.84 5.49
N ALA B 125 -23.94 22.59 5.34
CA ALA B 125 -25.29 22.35 4.85
C ALA B 125 -26.31 22.29 5.98
N GLY B 126 -25.83 22.29 7.22
CA GLY B 126 -26.71 22.18 8.37
C GLY B 126 -27.42 20.85 8.43
N LEU B 127 -26.73 19.78 8.06
CA LEU B 127 -27.31 18.45 8.03
C LEU B 127 -26.29 17.42 8.48
N PRO B 128 -26.76 16.37 9.17
CA PRO B 128 -25.90 15.23 9.48
C PRO B 128 -25.41 14.61 8.18
N VAL B 129 -24.22 14.02 8.19
CA VAL B 129 -23.64 13.56 6.93
C VAL B 129 -24.56 12.59 6.18
N TYR B 130 -25.22 11.69 6.92
CA TYR B 130 -26.02 10.66 6.29
C TYR B 130 -27.16 11.25 5.46
N GLN B 131 -27.58 12.46 5.80
CA GLN B 131 -28.63 13.12 5.02
C GLN B 131 -28.10 13.50 3.64
N LEU B 132 -26.79 13.66 3.52
CA LEU B 132 -26.19 14.05 2.24
C LEU B 132 -25.93 12.83 1.36
N LEU B 133 -25.90 11.65 1.95
CA LEU B 133 -25.48 10.45 1.24
C LEU B 133 -26.61 9.55 0.77
N GLY B 134 -27.85 9.92 1.08
CA GLY B 134 -29.00 9.13 0.63
C GLY B 134 -30.19 9.20 1.58
N GLY B 135 -29.93 9.68 2.78
CA GLY B 135 -30.98 9.74 3.80
C GLY B 135 -31.03 8.43 4.57
N ALA B 136 -31.93 8.35 5.54
CA ALA B 136 -31.96 7.21 6.44
C ALA B 136 -32.57 6.05 5.68
N CYS B 137 -31.94 4.89 5.79
CA CYS B 137 -32.45 3.68 5.14
C CYS B 137 -32.94 2.65 6.14
N ARG B 138 -32.70 2.89 7.44
CA ARG B 138 -33.05 1.95 8.49
C ARG B 138 -33.20 2.77 9.76
N THR B 139 -33.79 2.21 10.80
CA THR B 139 -34.03 2.96 12.04
C THR B 139 -32.81 3.06 12.93
N GLY B 140 -31.81 2.23 12.64
CA GLY B 140 -30.57 2.24 13.37
C GLY B 140 -29.64 1.22 12.73
N VAL B 141 -28.42 1.11 13.26
CA VAL B 141 -27.39 0.22 12.70
C VAL B 141 -27.07 -0.95 13.63
N THR B 142 -27.49 -2.15 13.24
CA THR B 142 -27.35 -3.31 14.09
C THR B 142 -25.89 -3.71 14.23
N VAL B 143 -25.46 -3.99 15.46
CA VAL B 143 -24.04 -4.26 15.73
C VAL B 143 -23.78 -5.68 16.21
N TYR B 144 -22.53 -6.11 16.17
CA TYR B 144 -22.17 -7.30 16.93
C TYR B 144 -21.17 -6.98 18.04
N GLY B 145 -21.22 -7.75 19.12
CA GLY B 145 -20.27 -7.58 20.21
C GLY B 145 -19.33 -8.78 20.25
N HIS B 146 -18.45 -8.81 21.24
CA HIS B 146 -17.40 -9.82 21.24
C HIS B 146 -17.37 -10.62 22.52
N ALA B 147 -17.84 -11.87 22.45
CA ALA B 147 -17.69 -12.77 23.58
C ALA B 147 -16.52 -13.71 23.35
N ASN B 148 -15.65 -13.83 24.35
CA ASN B 148 -14.49 -14.68 24.23
C ASN B 148 -14.14 -15.26 25.58
N GLY B 149 -13.24 -16.24 25.61
CA GLY B 149 -12.87 -16.89 26.87
C GLY B 149 -11.92 -18.03 26.61
N GLU B 150 -11.29 -18.51 27.67
CA GLU B 150 -10.32 -19.59 27.58
C GLU B 150 -10.98 -20.89 27.14
N THR B 151 -12.09 -21.23 27.82
CA THR B 151 -12.80 -22.46 27.51
C THR B 151 -14.10 -22.11 26.83
N ILE B 152 -14.76 -23.13 26.29
CA ILE B 152 -16.06 -22.94 25.69
C ILE B 152 -17.02 -22.31 26.69
N GLU B 153 -17.06 -22.86 27.90
CA GLU B 153 -18.03 -22.36 28.89
C GLU B 153 -17.74 -20.91 29.25
N ASP B 154 -16.48 -20.52 29.16
CA ASP B 154 -16.11 -19.13 29.46
C ASP B 154 -16.66 -18.20 28.38
N THR B 155 -16.48 -18.62 27.12
CA THR B 155 -16.98 -17.90 25.95
C THR B 155 -18.50 -17.84 25.95
N ILE B 156 -19.17 -18.99 26.18
CA ILE B 156 -20.62 -19.03 26.23
C ILE B 156 -21.20 -18.18 27.35
N ALA B 157 -20.57 -18.28 28.53
CA ALA B 157 -20.93 -17.43 29.65
C ALA B 157 -20.99 -15.98 29.19
N GLU B 158 -20.05 -15.59 28.35
CA GLU B 158 -19.96 -14.20 27.89
C GLU B 158 -21.02 -13.89 26.84
N ALA B 159 -21.27 -14.87 25.98
CA ALA B 159 -22.33 -14.70 24.98
C ALA B 159 -23.67 -14.44 25.67
N VAL B 160 -23.91 -15.18 26.75
CA VAL B 160 -25.15 -14.99 27.51
C VAL B 160 -25.30 -13.54 27.97
N LYS B 161 -24.21 -12.95 28.48
CA LYS B 161 -24.25 -11.56 28.90
C LYS B 161 -24.64 -10.65 27.73
N TYR B 162 -23.95 -10.77 26.60
CA TYR B 162 -24.26 -9.90 25.46
C TYR B 162 -25.70 -10.04 24.98
N LYS B 163 -26.24 -11.24 25.03
CA LYS B 163 -27.64 -11.41 24.66
C LYS B 163 -28.53 -10.68 25.66
N ALA B 164 -28.23 -10.82 26.93
CA ALA B 164 -29.04 -10.15 27.92
C ALA B 164 -28.90 -8.64 27.73
N MET B 165 -27.75 -8.22 27.21
CA MET B 165 -27.56 -6.80 26.93
C MET B 165 -28.26 -6.32 25.66
N GLY B 166 -28.95 -7.21 24.97
CA GLY B 166 -29.77 -6.79 23.83
C GLY B 166 -29.05 -6.79 22.49
N TYR B 167 -27.86 -7.39 22.45
CA TYR B 167 -27.16 -7.56 21.19
C TYR B 167 -27.91 -8.53 20.32
N LYS B 168 -28.10 -8.16 19.06
CA LYS B 168 -28.72 -9.06 18.11
C LYS B 168 -27.68 -9.96 17.42
N ALA B 169 -26.41 -9.61 17.54
CA ALA B 169 -25.33 -10.39 16.92
C ALA B 169 -24.13 -10.47 17.82
N ILE B 170 -23.50 -11.65 17.87
CA ILE B 170 -22.38 -11.88 18.76
C ILE B 170 -21.26 -12.66 18.09
N ARG B 171 -20.05 -12.13 18.17
CA ARG B 171 -18.90 -12.89 17.68
C ARG B 171 -18.38 -13.80 18.81
N LEU B 172 -17.98 -15.02 18.47
CA LEU B 172 -17.52 -15.93 19.51
C LEU B 172 -16.12 -16.36 19.19
N GLN B 173 -15.22 -16.21 20.17
CA GLN B 173 -13.85 -16.70 20.07
C GLN B 173 -13.51 -17.44 21.36
N THR B 174 -12.64 -18.44 21.26
CA THR B 174 -12.37 -19.32 22.38
C THR B 174 -10.95 -19.87 22.28
N GLY B 175 -10.39 -20.22 23.43
CA GLY B 175 -9.06 -20.80 23.45
C GLY B 175 -8.96 -22.12 22.70
N VAL B 176 -7.77 -22.40 22.21
CA VAL B 176 -7.49 -23.68 21.56
C VAL B 176 -6.84 -24.63 22.57
N PRO B 177 -7.46 -25.79 22.85
CA PRO B 177 -6.81 -26.78 23.69
C PRO B 177 -5.46 -27.16 23.09
N GLY B 178 -4.40 -27.08 23.88
CA GLY B 178 -3.06 -27.40 23.38
C GLY B 178 -2.28 -26.22 22.83
N LEU B 179 -2.84 -25.02 22.94
CA LEU B 179 -2.13 -23.77 22.59
C LEU B 179 -2.23 -22.74 23.70
N ALA B 180 -1.09 -22.14 24.06
CA ALA B 180 -1.03 -21.12 25.09
C ALA B 180 -2.02 -19.98 24.83
N SER B 181 -2.17 -19.60 23.57
CA SER B 181 -3.00 -18.45 23.23
C SER B 181 -3.51 -18.49 21.80
N THR B 182 -4.59 -17.75 21.57
CA THR B 182 -5.19 -17.65 20.25
C THR B 182 -5.82 -16.26 20.10
N TYR B 183 -6.21 -15.92 18.88
CA TYR B 183 -6.88 -14.64 18.67
C TYR B 183 -8.20 -14.51 19.48
N GLY B 184 -8.55 -13.28 19.84
CA GLY B 184 -9.84 -12.99 20.47
C GLY B 184 -9.96 -13.38 21.93
N VAL B 185 -9.02 -14.19 22.41
CA VAL B 185 -9.05 -14.66 23.79
C VAL B 185 -8.11 -13.88 24.70
N SER B 186 -8.66 -13.31 25.77
CA SER B 186 -7.89 -12.52 26.72
C SER B 186 -8.79 -11.99 27.83
N LYS B 187 -8.22 -11.22 28.74
CA LYS B 187 -8.92 -10.74 29.93
C LYS B 187 -9.96 -9.65 29.64
N ASP B 188 -10.13 -9.31 28.37
CA ASP B 188 -11.14 -8.32 27.96
C ASP B 188 -12.45 -8.98 27.50
N LYS B 189 -13.57 -8.35 27.86
CA LYS B 189 -14.89 -8.92 27.60
C LYS B 189 -15.74 -8.09 26.63
N MET B 190 -15.80 -6.78 26.84
CA MET B 190 -16.55 -5.85 25.97
C MET B 190 -15.76 -5.38 24.72
N PHE B 191 -14.48 -5.74 24.69
CA PHE B 191 -13.58 -5.44 23.58
C PHE B 191 -12.35 -6.37 23.60
N TYR B 192 -11.43 -6.16 22.66
CA TYR B 192 -10.19 -6.94 22.56
C TYR B 192 -9.08 -5.99 22.12
N GLU B 193 -8.02 -5.82 22.90
CA GLU B 193 -6.91 -4.90 22.57
C GLU B 193 -5.48 -5.47 22.57
N PRO B 194 -5.12 -6.13 21.47
CA PRO B 194 -3.81 -6.77 21.29
C PRO B 194 -2.61 -5.84 21.04
N ALA B 195 -2.82 -4.56 20.79
CA ALA B 195 -1.66 -3.71 20.62
C ALA B 195 -1.21 -3.41 22.05
N ASP B 196 -0.61 -4.41 22.68
CA ASP B 196 -0.29 -4.46 24.11
C ASP B 196 1.15 -4.47 24.57
N ASN B 197 2.11 -4.23 23.71
CA ASN B 197 3.44 -4.21 24.23
C ASN B 197 4.38 -3.38 23.44
N ASP B 198 5.44 -2.97 24.10
CA ASP B 198 6.45 -2.10 23.55
C ASP B 198 7.25 -2.73 22.44
N LEU B 199 7.32 -4.05 22.49
CA LEU B 199 7.72 -4.90 21.35
C LEU B 199 6.66 -5.98 21.09
N PRO B 200 6.44 -6.33 19.82
CA PRO B 200 5.37 -7.27 19.48
C PRO B 200 5.37 -8.57 20.30
N THR B 201 4.25 -8.87 20.96
CA THR B 201 4.05 -10.16 21.62
C THR B 201 4.10 -11.32 20.64
N GLU B 202 4.90 -12.34 20.95
CA GLU B 202 5.03 -13.50 20.10
C GLU B 202 4.07 -14.62 20.52
N ASN B 203 3.42 -15.25 19.55
CA ASN B 203 2.46 -16.33 19.83
C ASN B 203 2.80 -17.58 19.02
N ILE B 204 2.25 -18.72 19.43
CA ILE B 204 2.55 -19.98 18.76
C ILE B 204 1.26 -20.60 18.28
N TRP B 205 1.24 -21.01 17.01
CA TRP B 205 -0.01 -21.44 16.38
C TRP B 205 0.02 -22.87 15.88
N SER B 206 -1.14 -23.54 15.98
CA SER B 206 -1.34 -24.88 15.39
C SER B 206 -2.68 -24.96 14.66
N THR B 207 -2.65 -25.00 13.32
CA THR B 207 -3.90 -25.06 12.57
C THR B 207 -4.73 -26.27 12.93
N ALA B 208 -4.07 -27.43 12.97
CA ALA B 208 -4.73 -28.71 13.23
C ALA B 208 -5.53 -28.73 14.54
N LYS B 209 -4.96 -28.15 15.58
CA LYS B 209 -5.57 -28.20 16.91
C LYS B 209 -6.81 -27.31 16.92
N TYR B 210 -6.69 -26.20 16.19
CA TYR B 210 -7.77 -25.25 16.05
C TYR B 210 -8.93 -25.88 15.28
N LEU B 211 -8.63 -26.42 14.11
CA LEU B 211 -9.68 -27.00 13.28
C LEU B 211 -10.41 -28.14 14.00
N ASN B 212 -9.69 -28.88 14.83
CA ASN B 212 -10.28 -30.01 15.56
C ASN B 212 -11.18 -29.59 16.71
N SER B 213 -11.12 -28.32 17.10
CA SER B 213 -11.83 -27.92 18.31
C SER B 213 -12.92 -26.88 18.12
N VAL B 214 -12.70 -25.91 17.24
CA VAL B 214 -13.59 -24.75 17.26
C VAL B 214 -15.08 -25.04 16.97
N PRO B 215 -15.38 -26.07 16.16
CA PRO B 215 -16.78 -26.33 15.87
C PRO B 215 -17.62 -26.63 17.12
N LYS B 216 -16.99 -27.17 18.16
CA LYS B 216 -17.70 -27.50 19.38
C LYS B 216 -18.17 -26.20 20.01
N LEU B 217 -17.42 -25.13 19.78
CA LEU B 217 -17.82 -23.83 20.29
C LEU B 217 -19.26 -23.60 19.89
N PHE B 218 -19.52 -23.64 18.59
CA PHE B 218 -20.82 -23.21 18.08
C PHE B 218 -21.96 -24.21 18.32
N GLU B 219 -21.62 -25.49 18.34
CA GLU B 219 -22.60 -26.50 18.75
C GLU B 219 -23.19 -26.11 20.08
N ARG B 220 -22.33 -25.77 21.04
CA ARG B 220 -22.76 -25.45 22.39
C ARG B 220 -23.45 -24.08 22.41
N ALA B 221 -22.88 -23.13 21.69
CA ALA B 221 -23.53 -21.85 21.54
C ALA B 221 -25.01 -21.97 21.16
N ARG B 222 -25.31 -22.84 20.19
CA ARG B 222 -26.68 -23.00 19.74
C ARG B 222 -27.56 -23.67 20.80
N GLU B 223 -26.97 -24.60 21.54
CA GLU B 223 -27.69 -25.29 22.61
C GLU B 223 -28.13 -24.31 23.69
N VAL B 224 -27.24 -23.41 24.07
CA VAL B 224 -27.53 -22.47 25.14
C VAL B 224 -28.26 -21.23 24.64
N LEU B 225 -27.77 -20.65 23.55
CA LEU B 225 -28.29 -19.35 23.10
C LEU B 225 -29.46 -19.44 22.15
N GLY B 226 -29.67 -20.61 21.54
CA GLY B 226 -30.73 -20.76 20.53
C GLY B 226 -30.38 -20.19 19.17
N TRP B 227 -31.41 -20.03 18.34
CA TRP B 227 -31.27 -19.85 16.89
C TRP B 227 -31.75 -18.51 16.36
N ASP B 228 -32.18 -17.59 17.23
CA ASP B 228 -32.49 -16.24 16.77
C ASP B 228 -31.26 -15.32 16.70
N VAL B 229 -30.33 -15.50 17.63
CA VAL B 229 -29.17 -14.61 17.67
C VAL B 229 -28.18 -14.92 16.55
N HIS B 230 -27.59 -13.87 15.98
CA HIS B 230 -26.58 -14.04 14.93
C HIS B 230 -25.26 -14.34 15.59
N LEU B 231 -24.60 -15.36 15.08
CA LEU B 231 -23.34 -15.78 15.67
C LEU B 231 -22.23 -15.65 14.64
N LEU B 232 -21.17 -14.94 15.00
CA LEU B 232 -20.07 -14.68 14.06
C LEU B 232 -18.80 -15.41 14.46
N HIS B 233 -17.84 -15.51 13.55
CA HIS B 233 -16.50 -16.00 13.92
C HIS B 233 -15.39 -15.44 13.04
N ASP B 234 -14.33 -14.92 13.66
CA ASP B 234 -13.20 -14.33 12.93
C ASP B 234 -12.04 -15.33 12.99
N VAL B 235 -11.76 -15.93 11.86
CA VAL B 235 -10.66 -16.89 11.71
C VAL B 235 -9.30 -16.21 11.79
N HIS B 236 -9.29 -14.93 11.46
CA HIS B 236 -8.12 -14.10 11.63
C HIS B 236 -6.88 -14.59 10.85
N HIS B 237 -7.08 -15.00 9.59
CA HIS B 237 -5.97 -15.17 8.63
C HIS B 237 -5.19 -16.49 8.67
N ARG B 238 -5.64 -17.47 9.44
CA ARG B 238 -4.80 -18.61 9.79
C ARG B 238 -4.95 -19.90 8.96
N LEU B 239 -5.87 -19.90 8.01
CA LEU B 239 -6.14 -21.09 7.19
C LEU B 239 -5.65 -21.01 5.74
N THR B 240 -5.53 -22.19 5.13
CA THR B 240 -5.50 -22.28 3.65
C THR B 240 -6.94 -22.45 3.13
N PRO B 241 -7.18 -22.14 1.85
CA PRO B 241 -8.49 -22.29 1.25
C PRO B 241 -9.11 -23.67 1.51
N ILE B 242 -8.34 -24.74 1.33
CA ILE B 242 -8.91 -26.08 1.51
C ILE B 242 -9.25 -26.35 2.98
N GLU B 243 -8.53 -25.70 3.87
CA GLU B 243 -8.79 -25.78 5.30
C GLU B 243 -10.03 -24.95 5.67
N ALA B 244 -10.18 -23.78 5.05
CA ALA B 244 -11.32 -22.91 5.30
C ALA B 244 -12.57 -23.59 4.77
N ALA B 245 -12.45 -24.14 3.57
CA ALA B 245 -13.53 -24.97 3.06
C ALA B 245 -14.04 -25.92 4.12
N ARG B 246 -13.13 -26.68 4.73
CA ARG B 246 -13.52 -27.69 5.72
C ARG B 246 -14.08 -27.12 7.01
N LEU B 247 -13.50 -26.03 7.49
CA LEU B 247 -14.02 -25.43 8.71
C LEU B 247 -15.43 -24.91 8.39
N GLY B 248 -15.57 -24.25 7.24
CA GLY B 248 -16.89 -23.76 6.82
C GLY B 248 -17.97 -24.84 6.85
N LYS B 249 -17.62 -26.02 6.37
CA LYS B 249 -18.53 -27.17 6.27
C LYS B 249 -18.91 -27.64 7.66
N ASP B 250 -17.89 -27.77 8.51
CA ASP B 250 -18.06 -28.18 9.89
C ASP B 250 -19.01 -27.25 10.67
N LEU B 251 -19.16 -26.02 10.20
CA LEU B 251 -19.93 -25.03 10.93
C LEU B 251 -21.30 -24.74 10.35
N GLU B 252 -21.63 -25.43 9.27
CA GLU B 252 -22.88 -25.23 8.58
C GLU B 252 -24.07 -25.48 9.50
N PRO B 253 -23.96 -26.50 10.35
CA PRO B 253 -25.11 -26.92 11.15
C PRO B 253 -25.58 -25.80 12.06
N TYR B 254 -24.65 -24.90 12.40
CA TYR B 254 -24.92 -23.86 13.39
C TYR B 254 -25.29 -22.53 12.77
N ARG B 255 -25.37 -22.49 11.44
CA ARG B 255 -25.92 -21.32 10.74
C ARG B 255 -25.31 -19.96 11.16
N LEU B 256 -24.00 -19.85 11.01
CA LEU B 256 -23.28 -18.63 11.38
C LEU B 256 -23.63 -17.50 10.46
N PHE B 257 -23.65 -16.29 11.00
CA PHE B 257 -23.92 -15.11 10.19
C PHE B 257 -22.74 -14.90 9.21
N TRP B 258 -21.52 -15.10 9.67
CA TRP B 258 -20.37 -15.07 8.76
C TRP B 258 -19.12 -15.69 9.36
N LEU B 259 -18.20 -16.07 8.49
CA LEU B 259 -16.92 -16.63 8.88
C LEU B 259 -15.94 -15.70 8.20
N GLU B 260 -15.12 -15.01 9.00
CA GLU B 260 -14.40 -13.81 8.59
C GLU B 260 -12.91 -14.12 8.44
N ASP B 261 -12.28 -13.51 7.44
CA ASP B 261 -10.83 -13.59 7.23
C ASP B 261 -10.26 -15.02 7.33
N SER B 262 -10.91 -15.95 6.66
CA SER B 262 -10.56 -17.35 6.83
C SER B 262 -9.18 -17.62 6.22
N VAL B 263 -8.84 -16.89 5.16
CA VAL B 263 -7.54 -17.05 4.50
CA VAL B 263 -7.55 -17.05 4.47
C VAL B 263 -6.98 -15.70 4.05
N PRO B 264 -5.64 -15.59 4.00
CA PRO B 264 -5.04 -14.36 3.49
C PRO B 264 -5.56 -14.15 2.07
N ALA B 265 -5.95 -12.92 1.76
CA ALA B 265 -6.69 -12.66 0.54
C ALA B 265 -5.87 -11.99 -0.57
N GLU B 266 -4.56 -11.86 -0.41
CA GLU B 266 -3.81 -11.24 -1.54
C GLU B 266 -4.14 -11.99 -2.84
N ASN B 267 -4.20 -13.31 -2.76
CA ASN B 267 -4.67 -14.12 -3.87
C ASN B 267 -6.19 -14.30 -3.77
N GLN B 268 -6.94 -13.46 -4.48
CA GLN B 268 -8.39 -13.45 -4.33
C GLN B 268 -9.03 -14.72 -4.88
N ALA B 269 -8.38 -15.37 -5.85
CA ALA B 269 -8.89 -16.63 -6.40
C ALA B 269 -8.91 -17.71 -5.32
N GLY B 270 -8.18 -17.47 -4.24
CA GLY B 270 -8.23 -18.40 -3.10
C GLY B 270 -9.62 -18.69 -2.59
N PHE B 271 -10.53 -17.71 -2.69
CA PHE B 271 -11.84 -17.93 -2.11
C PHE B 271 -12.69 -18.87 -2.98
N ARG B 272 -12.28 -19.10 -4.22
CA ARG B 272 -13.01 -19.98 -5.12
C ARG B 272 -13.23 -21.36 -4.52
N LEU B 273 -12.18 -21.88 -3.89
CA LEU B 273 -12.20 -23.21 -3.31
C LEU B 273 -13.09 -23.26 -2.08
N ILE B 274 -13.12 -22.19 -1.31
CA ILE B 274 -13.97 -22.18 -0.12
C ILE B 274 -15.41 -22.16 -0.61
N ARG B 275 -15.69 -21.21 -1.49
CA ARG B 275 -17.04 -20.97 -1.98
C ARG B 275 -17.58 -22.23 -2.65
N GLN B 276 -16.66 -22.94 -3.29
CA GLN B 276 -16.94 -24.19 -3.99
CA GLN B 276 -16.95 -24.18 -3.99
C GLN B 276 -17.37 -25.31 -3.04
N HIS B 277 -16.90 -25.26 -1.79
CA HIS B 277 -17.20 -26.35 -0.84
C HIS B 277 -18.16 -26.10 0.30
N THR B 278 -18.48 -24.85 0.61
CA THR B 278 -19.33 -24.59 1.79
C THR B 278 -20.31 -23.47 1.56
N THR B 279 -21.43 -23.54 2.27
CA THR B 279 -22.44 -22.51 2.22
C THR B 279 -22.43 -21.66 3.48
N THR B 280 -21.49 -21.91 4.39
CA THR B 280 -21.25 -20.92 5.44
C THR B 280 -20.86 -19.57 4.78
N PRO B 281 -21.60 -18.49 5.11
CA PRO B 281 -21.41 -17.21 4.47
C PRO B 281 -20.05 -16.60 4.81
N LEU B 282 -19.47 -15.88 3.87
CA LEU B 282 -18.07 -15.49 4.06
C LEU B 282 -17.88 -13.99 4.23
N ALA B 283 -17.00 -13.60 5.14
CA ALA B 283 -16.63 -12.20 5.31
C ALA B 283 -15.13 -12.02 5.13
N VAL B 284 -14.72 -10.85 4.63
CA VAL B 284 -13.29 -10.54 4.53
C VAL B 284 -13.12 -9.04 4.27
N GLY B 285 -12.01 -8.45 4.71
CA GLY B 285 -11.66 -7.13 4.17
C GLY B 285 -11.29 -5.99 5.10
N GLU B 286 -11.18 -6.25 6.40
CA GLU B 286 -10.85 -5.17 7.32
C GLU B 286 -9.55 -4.49 6.95
N ILE B 287 -8.60 -5.25 6.43
CA ILE B 287 -7.29 -4.68 6.09
C ILE B 287 -7.17 -4.12 4.64
N PHE B 288 -8.23 -4.19 3.85
CA PHE B 288 -8.17 -3.73 2.46
C PHE B 288 -7.99 -2.22 2.38
N ALA B 289 -7.10 -1.77 1.51
CA ALA B 289 -6.86 -0.32 1.32
C ALA B 289 -7.60 0.32 0.14
N HIS B 290 -8.08 -0.49 -0.80
CA HIS B 290 -8.77 0.03 -2.00
C HIS B 290 -9.69 -0.98 -2.66
N VAL B 291 -10.46 -0.51 -3.64
CA VAL B 291 -11.40 -1.40 -4.30
C VAL B 291 -10.71 -2.64 -4.88
N TRP B 292 -9.45 -2.47 -5.29
CA TRP B 292 -8.72 -3.50 -6.02
C TRP B 292 -8.38 -4.71 -5.17
N ASP B 293 -8.47 -4.57 -3.85
CA ASP B 293 -8.22 -5.70 -2.93
C ASP B 293 -9.41 -6.63 -2.86
N ALA B 294 -10.56 -6.16 -3.33
CA ALA B 294 -11.77 -6.95 -3.20
C ALA B 294 -12.46 -7.23 -4.54
N LYS B 295 -11.96 -6.63 -5.63
CA LYS B 295 -12.68 -6.66 -6.91
C LYS B 295 -13.04 -8.05 -7.42
N GLN B 296 -12.05 -8.95 -7.44
CA GLN B 296 -12.32 -10.31 -7.87
C GLN B 296 -13.28 -11.01 -6.91
N LEU B 297 -13.06 -10.82 -5.62
CA LEU B 297 -13.89 -11.41 -4.58
C LEU B 297 -15.35 -11.03 -4.80
N ILE B 298 -15.60 -9.75 -5.04
CA ILE B 298 -16.96 -9.27 -5.30
C ILE B 298 -17.53 -9.72 -6.65
N GLU B 299 -16.78 -9.49 -7.72
CA GLU B 299 -17.28 -9.81 -9.06
C GLU B 299 -17.53 -11.29 -9.26
N GLU B 300 -16.81 -12.16 -8.53
CA GLU B 300 -16.99 -13.62 -8.66
C GLU B 300 -18.00 -14.16 -7.63
N GLN B 301 -18.60 -13.25 -6.86
CA GLN B 301 -19.48 -13.61 -5.76
C GLN B 301 -18.86 -14.62 -4.80
N LEU B 302 -17.61 -14.36 -4.45
CA LEU B 302 -16.89 -15.25 -3.55
C LEU B 302 -17.18 -14.95 -2.09
N ILE B 303 -17.69 -13.75 -1.83
CA ILE B 303 -17.98 -13.33 -0.46
C ILE B 303 -19.38 -12.77 -0.28
N ASP B 304 -19.84 -12.74 0.97
CA ASP B 304 -21.18 -12.24 1.30
C ASP B 304 -21.14 -10.91 2.05
N TYR B 305 -20.00 -10.60 2.66
CA TYR B 305 -19.84 -9.35 3.41
C TYR B 305 -18.46 -8.75 3.17
N LEU B 306 -18.41 -7.46 2.86
CA LEU B 306 -17.12 -6.76 2.78
C LEU B 306 -16.86 -6.00 4.07
N ARG B 307 -15.66 -6.18 4.64
CA ARG B 307 -15.34 -5.70 5.99
C ARG B 307 -14.51 -4.43 5.92
N ALA B 308 -14.26 -3.97 4.71
CA ALA B 308 -13.51 -2.72 4.49
C ALA B 308 -14.19 -1.54 5.14
N THR B 309 -13.39 -0.57 5.60
CA THR B 309 -13.89 0.56 6.40
C THR B 309 -13.56 1.92 5.82
N VAL B 310 -14.27 2.94 6.29
CA VAL B 310 -14.07 4.29 5.81
C VAL B 310 -12.69 4.76 6.22
N LEU B 311 -12.11 4.12 7.23
CA LEU B 311 -10.83 4.52 7.75
C LEU B 311 -9.67 3.94 6.95
N HIS B 312 -9.76 2.66 6.63
CA HIS B 312 -8.63 2.03 5.96
C HIS B 312 -8.76 1.86 4.45
N ALA B 313 -9.94 2.20 3.90
CA ALA B 313 -10.14 2.17 2.43
C ALA B 313 -10.45 3.54 1.77
N GLY B 314 -9.87 4.61 2.31
CA GLY B 314 -9.97 5.91 1.64
C GLY B 314 -11.25 6.68 1.88
N GLY B 315 -11.92 6.41 2.99
CA GLY B 315 -13.02 7.26 3.46
C GLY B 315 -14.44 7.02 2.95
N ILE B 316 -15.34 7.93 3.29
CA ILE B 316 -16.73 7.85 2.87
C ILE B 316 -16.80 7.87 1.33
N THR B 317 -15.97 8.71 0.73
CA THR B 317 -16.02 8.89 -0.72
C THR B 317 -15.81 7.55 -1.44
N ASN B 318 -14.79 6.84 -1.00
CA ASN B 318 -14.38 5.62 -1.67
C ASN B 318 -15.30 4.48 -1.27
N LEU B 319 -15.66 4.43 0.01
CA LEU B 319 -16.43 3.27 0.50
C LEU B 319 -17.81 3.24 -0.12
N LYS B 320 -18.28 4.40 -0.56
CA LYS B 320 -19.62 4.52 -1.13
C LYS B 320 -19.69 3.95 -2.57
N LYS B 321 -18.63 4.20 -3.33
CA LYS B 321 -18.45 3.63 -4.65
C LYS B 321 -18.33 2.12 -4.52
N ILE B 322 -17.47 1.70 -3.60
CA ILE B 322 -17.28 0.28 -3.30
C ILE B 322 -18.59 -0.41 -2.91
N ALA B 323 -19.43 0.25 -2.13
CA ALA B 323 -20.65 -0.39 -1.68
C ALA B 323 -21.65 -0.58 -2.83
N ALA B 324 -21.60 0.31 -3.80
CA ALA B 324 -22.52 0.27 -4.89
C ALA B 324 -22.11 -0.89 -5.79
N PHE B 325 -20.82 -0.95 -6.10
CA PHE B 325 -20.25 -2.13 -6.77
C PHE B 325 -20.60 -3.44 -6.05
N ALA B 326 -20.41 -3.50 -4.73
CA ALA B 326 -20.70 -4.74 -3.99
C ALA B 326 -22.17 -5.15 -4.11
N ASP B 327 -23.06 -4.17 -4.25
CA ASP B 327 -24.50 -4.43 -4.28
C ASP B 327 -24.93 -5.06 -5.62
N LEU B 328 -24.12 -4.92 -6.66
CA LEU B 328 -24.47 -5.56 -7.94
C LEU B 328 -24.28 -7.06 -7.83
N HIS B 329 -23.62 -7.51 -6.77
CA HIS B 329 -23.24 -8.91 -6.65
C HIS B 329 -23.66 -9.56 -5.33
N HIS B 330 -24.73 -9.07 -4.72
CA HIS B 330 -25.25 -9.65 -3.49
C HIS B 330 -24.31 -9.47 -2.28
N VAL B 331 -23.35 -8.57 -2.39
CA VAL B 331 -22.44 -8.38 -1.27
C VAL B 331 -22.93 -7.24 -0.40
N LYS B 332 -22.95 -7.48 0.90
CA LYS B 332 -23.33 -6.47 1.88
C LYS B 332 -22.12 -5.98 2.67
N THR B 333 -22.30 -4.87 3.38
CA THR B 333 -21.26 -4.32 4.24
C THR B 333 -21.29 -4.93 5.66
N GLY B 334 -20.10 -5.30 6.13
CA GLY B 334 -19.90 -5.73 7.51
C GLY B 334 -18.63 -5.05 8.00
N CYS B 335 -18.67 -3.73 8.05
CA CYS B 335 -17.52 -2.92 8.41
C CYS B 335 -16.89 -3.28 9.72
N HIS B 336 -15.57 -3.34 9.69
CA HIS B 336 -14.73 -3.54 10.85
C HIS B 336 -14.90 -2.36 11.82
N GLY B 337 -14.74 -2.61 13.11
CA GLY B 337 -15.05 -1.59 14.12
C GLY B 337 -14.43 -1.96 15.44
N ALA B 338 -13.17 -2.33 15.38
CA ALA B 338 -12.42 -2.65 16.56
C ALA B 338 -11.99 -1.30 17.14
N THR B 339 -11.38 -1.32 18.31
CA THR B 339 -11.12 -0.08 19.02
C THR B 339 -10.07 0.81 18.37
N ASP B 340 -9.19 0.22 17.58
CA ASP B 340 -8.20 1.04 16.84
C ASP B 340 -8.82 1.90 15.74
N LEU B 341 -10.14 1.80 15.58
CA LEU B 341 -10.90 2.82 14.85
C LEU B 341 -11.51 3.80 15.83
N SER B 342 -11.09 5.06 15.78
CA SER B 342 -11.51 6.01 16.81
C SER B 342 -13.00 6.35 16.62
N PRO B 343 -13.58 7.06 17.58
CA PRO B 343 -14.98 7.46 17.44
C PRO B 343 -15.21 8.38 16.26
N VAL B 344 -14.15 9.00 15.73
CA VAL B 344 -14.30 9.77 14.51
C VAL B 344 -14.63 8.78 13.39
N THR B 345 -13.86 7.71 13.28
CA THR B 345 -14.18 6.66 12.31
C THR B 345 -15.60 6.16 12.54
N MET B 346 -15.95 5.88 13.80
CA MET B 346 -17.25 5.29 14.07
C MET B 346 -18.39 6.21 13.65
N ALA B 347 -18.20 7.51 13.87
CA ALA B 347 -19.22 8.47 13.43
C ALA B 347 -19.39 8.41 11.91
N ALA B 348 -18.26 8.48 11.19
CA ALA B 348 -18.26 8.42 9.73
C ALA B 348 -18.84 7.08 9.27
N ALA B 349 -18.53 6.02 10.00
CA ALA B 349 -18.97 4.68 9.62
C ALA B 349 -20.47 4.56 9.78
N LEU B 350 -20.99 5.14 10.86
CA LEU B 350 -22.41 5.09 11.14
C LEU B 350 -23.23 5.93 10.15
N HIS B 351 -22.70 7.07 9.69
CA HIS B 351 -23.41 7.85 8.66
C HIS B 351 -23.49 7.10 7.32
N PHE B 352 -22.40 6.46 6.94
CA PHE B 352 -22.35 5.64 5.74
C PHE B 352 -23.30 4.45 5.87
N ASP B 353 -23.19 3.73 6.98
CA ASP B 353 -24.06 2.60 7.27
C ASP B 353 -25.54 2.95 7.17
N MET B 354 -25.92 4.09 7.74
CA MET B 354 -27.32 4.53 7.71
C MET B 354 -27.85 4.76 6.30
N SER B 355 -26.95 4.95 5.32
CA SER B 355 -27.31 5.60 4.05
C SER B 355 -27.36 4.68 2.85
N ILE B 356 -27.03 3.41 3.04
CA ILE B 356 -26.93 2.45 1.97
C ILE B 356 -27.99 1.35 1.94
N THR B 357 -28.39 0.89 0.77
CA THR B 357 -29.32 -0.20 0.75
C THR B 357 -28.73 -1.53 1.27
N ASN B 358 -27.52 -1.86 0.85
CA ASN B 358 -26.85 -3.10 1.21
C ASN B 358 -26.04 -3.19 2.51
N PHE B 359 -26.60 -2.69 3.59
CA PHE B 359 -25.98 -2.77 4.89
C PHE B 359 -26.13 -4.18 5.43
N GLY B 360 -25.07 -4.75 5.96
CA GLY B 360 -25.20 -6.08 6.56
C GLY B 360 -25.14 -5.96 8.07
N LEU B 361 -24.06 -5.37 8.56
CA LEU B 361 -23.79 -5.30 9.98
C LEU B 361 -22.61 -4.39 10.24
N GLN B 362 -22.49 -3.94 11.49
CA GLN B 362 -21.40 -3.07 11.92
C GLN B 362 -20.76 -3.65 13.16
N GLU B 363 -19.43 -3.78 13.14
CA GLU B 363 -18.73 -4.25 14.32
C GLU B 363 -18.68 -3.12 15.34
N TYR B 364 -18.86 -3.46 16.61
CA TYR B 364 -18.85 -2.45 17.67
C TYR B 364 -18.08 -2.92 18.91
N MET B 365 -16.83 -2.48 19.01
CA MET B 365 -15.99 -2.70 20.17
C MET B 365 -16.00 -1.45 21.05
N ARG B 366 -16.37 -1.60 22.31
CA ARG B 366 -16.38 -0.48 23.27
C ARG B 366 -15.03 0.22 23.44
N HIS B 367 -14.98 1.51 23.15
CA HIS B 367 -13.81 2.30 23.46
C HIS B 367 -13.74 2.52 24.96
N THR B 368 -12.58 2.92 25.48
CA THR B 368 -12.49 3.22 26.90
C THR B 368 -13.26 4.48 27.22
N PRO B 369 -13.56 4.68 28.50
CA PRO B 369 -14.19 5.92 28.92
C PRO B 369 -13.33 7.13 28.57
N GLU B 370 -12.00 7.03 28.74
CA GLU B 370 -11.10 8.17 28.45
C GLU B 370 -11.16 8.56 26.98
N THR B 371 -11.22 7.55 26.13
CA THR B 371 -11.30 7.77 24.69
C THR B 371 -12.59 8.54 24.37
N ASP B 372 -13.74 8.01 24.81
CA ASP B 372 -15.00 8.74 24.66
C ASP B 372 -14.95 10.20 25.11
N ALA B 373 -14.22 10.46 26.19
CA ALA B 373 -14.08 11.84 26.67
C ALA B 373 -13.23 12.69 25.74
N VAL B 374 -12.20 12.09 25.15
CA VAL B 374 -11.36 12.83 24.24
C VAL B 374 -12.06 13.13 22.90
N PHE B 375 -12.96 12.26 22.48
CA PHE B 375 -13.67 12.46 21.21
C PHE B 375 -15.16 12.53 21.48
N PRO B 376 -15.63 13.62 22.09
CA PRO B 376 -17.06 13.69 22.34
C PRO B 376 -17.79 13.49 21.02
N HIS B 377 -18.93 12.79 21.05
CA HIS B 377 -19.63 12.42 19.82
C HIS B 377 -21.12 12.37 20.05
N ALA B 378 -21.90 12.48 18.98
CA ALA B 378 -23.36 12.43 19.11
C ALA B 378 -23.97 11.01 19.00
N TYR B 379 -23.19 10.04 18.53
CA TYR B 379 -23.79 8.73 18.27
C TYR B 379 -24.17 8.01 19.53
N THR B 380 -25.23 7.21 19.45
CA THR B 380 -25.79 6.57 20.64
C THR B 380 -26.12 5.10 20.41
N PHE B 381 -26.06 4.32 21.48
CA PHE B 381 -26.31 2.88 21.38
C PHE B 381 -27.57 2.57 22.13
N SER B 382 -28.51 1.91 21.45
CA SER B 382 -29.75 1.52 22.10
CA SER B 382 -29.74 1.50 22.10
C SER B 382 -30.34 0.28 21.43
N ASP B 383 -30.74 -0.69 22.26
CA ASP B 383 -31.46 -1.88 21.79
C ASP B 383 -30.75 -2.61 20.67
N GLY B 384 -29.46 -2.86 20.86
CA GLY B 384 -28.65 -3.61 19.89
C GLY B 384 -28.25 -2.81 18.66
N MET B 385 -28.56 -1.52 18.66
CA MET B 385 -28.32 -0.69 17.51
C MET B 385 -27.62 0.62 17.87
N LEU B 386 -26.68 1.03 17.00
CA LEU B 386 -26.08 2.36 17.07
C LEU B 386 -26.88 3.36 16.24
N HIS B 387 -26.79 4.64 16.58
CA HIS B 387 -27.31 5.68 15.69
C HIS B 387 -26.37 6.88 15.65
N PRO B 388 -26.13 7.45 14.46
CA PRO B 388 -25.16 8.57 14.40
C PRO B 388 -25.68 9.84 15.05
N GLY B 389 -27.00 9.92 15.27
CA GLY B 389 -27.63 11.12 15.82
C GLY B 389 -27.84 12.15 14.73
N ASP B 390 -28.21 13.37 15.11
CA ASP B 390 -28.61 14.33 14.08
C ASP B 390 -27.90 15.70 14.06
N LYS B 391 -26.81 15.86 14.80
CA LYS B 391 -26.02 17.10 14.68
C LYS B 391 -25.54 17.32 13.23
N PRO B 392 -25.29 18.60 12.85
CA PRO B 392 -24.68 18.89 11.57
C PRO B 392 -23.30 18.24 11.48
N GLY B 393 -22.92 17.79 10.29
CA GLY B 393 -21.61 17.17 10.05
C GLY B 393 -21.58 15.73 10.48
N LEU B 394 -20.41 15.28 10.97
CA LEU B 394 -20.29 13.91 11.47
C LEU B 394 -20.88 13.79 12.87
N GLY B 395 -20.91 14.92 13.59
CA GLY B 395 -21.31 14.90 15.01
C GLY B 395 -20.26 14.31 15.93
N VAL B 396 -19.04 14.80 15.80
CA VAL B 396 -17.93 14.33 16.61
C VAL B 396 -16.82 15.37 16.57
N ASP B 397 -16.07 15.45 17.68
CA ASP B 397 -14.95 16.38 17.76
C ASP B 397 -13.84 15.75 18.60
N ILE B 398 -12.64 16.35 18.55
CA ILE B 398 -11.56 15.98 19.47
C ILE B 398 -11.40 17.08 20.55
N ASP B 399 -11.31 16.69 21.81
CA ASP B 399 -11.06 17.71 22.82
C ASP B 399 -9.56 17.86 22.91
N GLU B 400 -9.02 18.93 22.32
CA GLU B 400 -7.56 19.08 22.22
C GLU B 400 -6.85 19.20 23.57
N ASP B 401 -7.43 19.94 24.52
CA ASP B 401 -6.80 20.06 25.83
C ASP B 401 -6.78 18.69 26.51
N LEU B 402 -7.91 18.00 26.50
CA LEU B 402 -7.94 16.67 27.10
C LEU B 402 -6.98 15.71 26.38
N ALA B 403 -6.98 15.77 25.04
CA ALA B 403 -6.07 14.95 24.22
C ALA B 403 -4.60 15.11 24.64
N ALA B 404 -4.22 16.36 24.90
CA ALA B 404 -2.85 16.71 25.28
C ALA B 404 -2.43 16.14 26.61
N LYS B 405 -3.40 15.65 27.39
CA LYS B 405 -3.05 15.05 28.66
C LYS B 405 -2.64 13.59 28.50
N HIS B 406 -2.79 13.06 27.27
CA HIS B 406 -2.53 11.65 27.00
C HIS B 406 -1.50 11.40 25.89
N PRO B 407 -0.22 11.56 26.22
CA PRO B 407 0.85 11.39 25.23
C PRO B 407 0.82 10.06 24.49
N TYR B 408 1.41 10.06 23.30
CA TYR B 408 1.64 8.88 22.51
C TYR B 408 2.41 7.84 23.29
N LYS B 409 1.95 6.60 23.21
CA LYS B 409 2.66 5.47 23.81
C LYS B 409 2.83 4.34 22.78
N ARG B 410 4.07 4.08 22.39
CA ARG B 410 4.37 3.09 21.37
CA ARG B 410 4.36 3.09 21.36
C ARG B 410 3.76 1.74 21.73
N ALA B 411 3.00 1.15 20.81
CA ALA B 411 2.40 -0.17 21.06
C ALA B 411 2.13 -0.90 19.76
N TYR B 412 2.48 -2.20 19.76
CA TYR B 412 2.49 -3.03 18.55
C TYR B 412 1.41 -4.10 18.54
N LEU B 413 0.94 -4.50 17.36
CA LEU B 413 0.12 -5.72 17.27
C LEU B 413 1.00 -6.97 17.47
N PRO B 414 0.42 -8.07 17.96
CA PRO B 414 1.21 -9.30 18.15
C PRO B 414 1.55 -10.00 16.84
N VAL B 415 2.51 -10.92 16.90
CA VAL B 415 2.86 -11.73 15.73
C VAL B 415 2.62 -13.21 16.02
N ASN B 416 2.68 -14.04 14.98
CA ASN B 416 2.33 -15.45 15.11
C ASN B 416 3.33 -16.33 14.37
N ARG B 417 3.76 -17.43 15.01
CA ARG B 417 4.66 -18.42 14.38
C ARG B 417 4.08 -19.82 14.52
N LEU B 418 4.47 -20.70 13.61
CA LEU B 418 4.03 -22.09 13.72
C LEU B 418 4.88 -22.81 14.77
N GLU B 419 4.49 -24.04 15.10
CA GLU B 419 5.22 -24.85 16.07
C GLU B 419 6.71 -25.00 15.73
N ASP B 420 7.03 -25.11 14.44
CA ASP B 420 8.43 -25.27 13.99
C ASP B 420 9.15 -23.94 13.93
N GLY B 421 8.42 -22.86 14.17
CA GLY B 421 9.04 -21.55 14.22
C GLY B 421 8.80 -20.69 13.01
N THR B 422 8.07 -21.22 12.02
CA THR B 422 7.86 -20.49 10.76
C THR B 422 7.09 -19.20 11.04
N MET B 423 7.56 -18.09 10.47
CA MET B 423 6.81 -16.87 10.58
C MET B 423 5.46 -17.09 9.92
N PHE B 424 4.40 -16.68 10.58
CA PHE B 424 3.07 -16.97 10.11
C PHE B 424 2.23 -15.71 10.28
N ASN B 425 0.91 -15.84 10.12
CA ASN B 425 0.03 -14.67 10.17
C ASN B 425 -0.65 -14.55 11.56
N TRP B 426 -0.73 -13.35 12.11
CA TRP B 426 -1.44 -13.16 13.38
C TRP B 426 -2.90 -12.79 13.19
#